data_4U7Y
# 
_entry.id   4U7Y 
# 
_audit_conform.dict_name       mmcif_pdbx.dic 
_audit_conform.dict_version    5.379 
_audit_conform.dict_location   http://mmcif.pdb.org/dictionaries/ascii/mmcif_pdbx.dic 
# 
loop_
_database_2.database_id 
_database_2.database_code 
_database_2.pdbx_database_accession 
_database_2.pdbx_DOI 
PDB   4U7Y         pdb_00004u7y 10.2210/pdb4u7y/pdb 
WWPDB D_1000202940 ?            ?                   
# 
loop_
_pdbx_database_related.content_type 
_pdbx_database_related.db_id 
_pdbx_database_related.db_name 
_pdbx_database_related.details 
unspecified 4U7E PDB . 
unspecified 4U7I PDB . 
# 
_pdbx_database_status.status_code                     REL 
_pdbx_database_status.status_code_sf                  REL 
_pdbx_database_status.status_code_mr                  ? 
_pdbx_database_status.entry_id                        4U7Y 
_pdbx_database_status.recvd_initial_deposition_date   2014-07-31 
_pdbx_database_status.SG_entry                        N 
_pdbx_database_status.deposit_site                    RCSB 
_pdbx_database_status.process_site                    RCSB 
_pdbx_database_status.status_code_cs                  ? 
_pdbx_database_status.methods_development_category    ? 
_pdbx_database_status.pdb_format_compatible           Y 
_pdbx_database_status.status_code_nmr_data            ? 
# 
loop_
_audit_author.name 
_audit_author.pdbx_ordinal 
'Guo, E.Z.' 1 
'Xu, Z.'    2 
# 
_citation.abstract                  ? 
_citation.abstract_id_CAS           ? 
_citation.book_id_ISBN              ? 
_citation.book_publisher            ? 
_citation.book_publisher_city       ? 
_citation.book_title                ? 
_citation.coordinate_linkage        ? 
_citation.country                   US 
_citation.database_id_Medline       ? 
_citation.details                   ? 
_citation.id                        primary 
_citation.journal_abbrev            J.Biol.Chem. 
_citation.journal_id_ASTM           JBCHA3 
_citation.journal_id_CSD            0071 
_citation.journal_id_ISSN           1083-351X 
_citation.journal_full              ? 
_citation.journal_issue             ? 
_citation.journal_volume            290 
_citation.language                  ? 
_citation.page_first                8396 
_citation.page_last                 8408 
_citation.title                     
;Distinct Mechanisms of Recognizing Endosomal Sorting Complex Required for Transport III (ESCRT-III) Protein IST1 by Different Microtubule Interacting and Trafficking (MIT) Domains.
;
_citation.year                      2015 
_citation.database_id_CSD           ? 
_citation.pdbx_database_id_DOI      10.1074/jbc.M114.607903 
_citation.pdbx_database_id_PubMed   25657007 
_citation.unpublished_flag          ? 
# 
loop_
_citation_author.citation_id 
_citation_author.name 
_citation_author.ordinal 
_citation_author.identifier_ORCID 
primary 'Guo, E.Z.' 1 ? 
primary 'Xu, Z.'    2 ? 
# 
_cell.entry_id           4U7Y 
_cell.length_a           78.401 
_cell.length_b           78.401 
_cell.length_c           67.642 
_cell.angle_alpha        90.00 
_cell.angle_beta         90.00 
_cell.angle_gamma        120.00 
_cell.Z_PDB              12 
_cell.pdbx_unique_axis   ? 
# 
_symmetry.entry_id                         4U7Y 
_symmetry.cell_setting                     ? 
_symmetry.Int_Tables_number                177 
_symmetry.space_group_name_Hall            ? 
_symmetry.space_group_name_H-M             'P 6 2 2' 
_symmetry.pdbx_full_space_group_name_H-M   ? 
# 
loop_
_entity.id 
_entity.type 
_entity.src_method 
_entity.pdbx_description 
_entity.formula_weight 
_entity.pdbx_number_of_molecules 
_entity.pdbx_ec 
_entity.pdbx_mutation 
_entity.pdbx_fragment 
_entity.details 
1 polymer man 'Vacuolar protein sorting-associated protein 4B' 10310.705 1 3.6.4.6 ? 'MIT domain (UNP residues 1-89)' ? 
2 polymer man 'IST1 homolog'                                   3009.262  1 ?       ? 'UNP residues 341-364'           ? 
3 water   nat water                                            18.015    6 ?       ? ?                                ? 
# 
loop_
_entity_name_com.entity_id 
_entity_name_com.name 
1 'Cell migration-inducing gene 1 protein,Suppressor of K(+) transport growth defect 1,Protein SKD1' 
2 'hIST1,Putative MAPK-activating protein PM28'                                                      
# 
loop_
_entity_poly.entity_id 
_entity_poly.type 
_entity_poly.nstd_linkage 
_entity_poly.nstd_monomer 
_entity_poly.pdbx_seq_one_letter_code 
_entity_poly.pdbx_seq_one_letter_code_can 
_entity_poly.pdbx_strand_id 
_entity_poly.pdbx_target_identifier 
1 'polypeptide(L)' no no 
;SMSSTSPNLQKAIDLASKAAQEDKAGNYEEALQLYQHAVQYFLHVVKYEAQGDKAKQSIRAKCTEYLDRAEKLKEYLKNK
EKKAQKPVKE
;
;SMSSTSPNLQKAIDLASKAAQEDKAGNYEEALQLYQHAVQYFLHVVKYEAQGDKAKQSIRAKCTEYLDRAEKLKEYLKNK
EKKAQKPVKE
;
A ? 
2 'polypeptide(L)' no no STSASEDIDFDDLSRRFEELKKKTW                                                                     
STSASEDIDFDDLSRRFEELKKKTW                                                                     B ? 
# 
loop_
_entity_poly_seq.entity_id 
_entity_poly_seq.num 
_entity_poly_seq.mon_id 
_entity_poly_seq.hetero 
1 1  SER n 
1 2  MET n 
1 3  SER n 
1 4  SER n 
1 5  THR n 
1 6  SER n 
1 7  PRO n 
1 8  ASN n 
1 9  LEU n 
1 10 GLN n 
1 11 LYS n 
1 12 ALA n 
1 13 ILE n 
1 14 ASP n 
1 15 LEU n 
1 16 ALA n 
1 17 SER n 
1 18 LYS n 
1 19 ALA n 
1 20 ALA n 
1 21 GLN n 
1 22 GLU n 
1 23 ASP n 
1 24 LYS n 
1 25 ALA n 
1 26 GLY n 
1 27 ASN n 
1 28 TYR n 
1 29 GLU n 
1 30 GLU n 
1 31 ALA n 
1 32 LEU n 
1 33 GLN n 
1 34 LEU n 
1 35 TYR n 
1 36 GLN n 
1 37 HIS n 
1 38 ALA n 
1 39 VAL n 
1 40 GLN n 
1 41 TYR n 
1 42 PHE n 
1 43 LEU n 
1 44 HIS n 
1 45 VAL n 
1 46 VAL n 
1 47 LYS n 
1 48 TYR n 
1 49 GLU n 
1 50 ALA n 
1 51 GLN n 
1 52 GLY n 
1 53 ASP n 
1 54 LYS n 
1 55 ALA n 
1 56 LYS n 
1 57 GLN n 
1 58 SER n 
1 59 ILE n 
1 60 ARG n 
1 61 ALA n 
1 62 LYS n 
1 63 CYS n 
1 64 THR n 
1 65 GLU n 
1 66 TYR n 
1 67 LEU n 
1 68 ASP n 
1 69 ARG n 
1 70 ALA n 
1 71 GLU n 
1 72 LYS n 
1 73 LEU n 
1 74 LYS n 
1 75 GLU n 
1 76 TYR n 
1 77 LEU n 
1 78 LYS n 
1 79 ASN n 
1 80 LYS n 
1 81 GLU n 
1 82 LYS n 
1 83 LYS n 
1 84 ALA n 
1 85 GLN n 
1 86 LYS n 
1 87 PRO n 
1 88 VAL n 
1 89 LYS n 
1 90 GLU n 
2 1  SER n 
2 2  THR n 
2 3  SER n 
2 4  ALA n 
2 5  SER n 
2 6  GLU n 
2 7  ASP n 
2 8  ILE n 
2 9  ASP n 
2 10 PHE n 
2 11 ASP n 
2 12 ASP n 
2 13 LEU n 
2 14 SER n 
2 15 ARG n 
2 16 ARG n 
2 17 PHE n 
2 18 GLU n 
2 19 GLU n 
2 20 LEU n 
2 21 LYS n 
2 22 LYS n 
2 23 LYS n 
2 24 THR n 
2 25 TRP n 
# 
loop_
_entity_src_gen.entity_id 
_entity_src_gen.pdbx_src_id 
_entity_src_gen.pdbx_alt_source_flag 
_entity_src_gen.pdbx_seq_type 
_entity_src_gen.pdbx_beg_seq_num 
_entity_src_gen.pdbx_end_seq_num 
_entity_src_gen.gene_src_common_name 
_entity_src_gen.gene_src_genus 
_entity_src_gen.pdbx_gene_src_gene 
_entity_src_gen.gene_src_species 
_entity_src_gen.gene_src_strain 
_entity_src_gen.gene_src_tissue 
_entity_src_gen.gene_src_tissue_fraction 
_entity_src_gen.gene_src_details 
_entity_src_gen.pdbx_gene_src_fragment 
_entity_src_gen.pdbx_gene_src_scientific_name 
_entity_src_gen.pdbx_gene_src_ncbi_taxonomy_id 
_entity_src_gen.pdbx_gene_src_variant 
_entity_src_gen.pdbx_gene_src_cell_line 
_entity_src_gen.pdbx_gene_src_atcc 
_entity_src_gen.pdbx_gene_src_organ 
_entity_src_gen.pdbx_gene_src_organelle 
_entity_src_gen.pdbx_gene_src_cell 
_entity_src_gen.pdbx_gene_src_cellular_location 
_entity_src_gen.host_org_common_name 
_entity_src_gen.pdbx_host_org_scientific_name 
_entity_src_gen.pdbx_host_org_ncbi_taxonomy_id 
_entity_src_gen.host_org_genus 
_entity_src_gen.pdbx_host_org_gene 
_entity_src_gen.pdbx_host_org_organ 
_entity_src_gen.host_org_species 
_entity_src_gen.pdbx_host_org_tissue 
_entity_src_gen.pdbx_host_org_tissue_fraction 
_entity_src_gen.pdbx_host_org_strain 
_entity_src_gen.pdbx_host_org_variant 
_entity_src_gen.pdbx_host_org_cell_line 
_entity_src_gen.pdbx_host_org_atcc 
_entity_src_gen.pdbx_host_org_culture_collection 
_entity_src_gen.pdbx_host_org_cell 
_entity_src_gen.pdbx_host_org_organelle 
_entity_src_gen.pdbx_host_org_cellular_location 
_entity_src_gen.pdbx_host_org_vector_type 
_entity_src_gen.pdbx_host_org_vector 
_entity_src_gen.host_org_details 
_entity_src_gen.expression_system_id 
_entity_src_gen.plasmid_name 
_entity_src_gen.plasmid_details 
_entity_src_gen.pdbx_description 
1 1 sample 'Biological sequence' 1 90 Human ? 'VPS4B, SKD1, VPS42, MIG1' ? ? ? ? ? ? 'Homo sapiens' 9606 ? ? ? ? ? ? ? ? 
'Escherichia coli' 562 ? ? ? ? ? ? 'Rosetta (DE3)' ? ? ? ? ? ? ? Plasmid ? ? ? ? ? ? 
2 1 sample 'Biological sequence' 1 25 Human ? 'IST1, KIAA0174'           ? ? ? ? ? ? 'Homo sapiens' 9606 ? ? ? ? ? ? ? ? 
'Escherichia coli' 562 ? ? ? ? ? ? 'Rosetta (DE3)' ? ? ? ? ? ? ? plasmid ? ? ? ? ? ? 
# 
loop_
_struct_ref.id 
_struct_ref.db_name 
_struct_ref.db_code 
_struct_ref.pdbx_db_accession 
_struct_ref.entity_id 
_struct_ref.pdbx_seq_one_letter_code 
_struct_ref.pdbx_align_begin 
_struct_ref.pdbx_db_isoform 
1 UNP VPS4B_HUMAN O75351 1 
;MSSTSPNLQKAIDLASKAAQEDKAGNYEEALQLYQHAVQYFLHVVKYEAQGDKAKQSIRAKCTEYLDRAEKLKEYLKNKE
KKAQKPVKE
;
1   ? 
2 UNP IST1_HUMAN  P53990 2 STSASEDIDFDDLSRRFEELKKKT                                                                     341 ? 
# 
loop_
_struct_ref_seq.align_id 
_struct_ref_seq.ref_id 
_struct_ref_seq.pdbx_PDB_id_code 
_struct_ref_seq.pdbx_strand_id 
_struct_ref_seq.seq_align_beg 
_struct_ref_seq.pdbx_seq_align_beg_ins_code 
_struct_ref_seq.seq_align_end 
_struct_ref_seq.pdbx_seq_align_end_ins_code 
_struct_ref_seq.pdbx_db_accession 
_struct_ref_seq.db_align_beg 
_struct_ref_seq.pdbx_db_align_beg_ins_code 
_struct_ref_seq.db_align_end 
_struct_ref_seq.pdbx_db_align_end_ins_code 
_struct_ref_seq.pdbx_auth_seq_align_beg 
_struct_ref_seq.pdbx_auth_seq_align_end 
1 1 4U7Y A 2 ? 90 ? O75351 1   ? 89  ? 1   89  
2 2 4U7Y B 1 ? 24 ? P53990 341 ? 364 ? 312 335 
# 
loop_
_struct_ref_seq_dif.align_id 
_struct_ref_seq_dif.pdbx_pdb_id_code 
_struct_ref_seq_dif.mon_id 
_struct_ref_seq_dif.pdbx_pdb_strand_id 
_struct_ref_seq_dif.seq_num 
_struct_ref_seq_dif.pdbx_pdb_ins_code 
_struct_ref_seq_dif.pdbx_seq_db_name 
_struct_ref_seq_dif.pdbx_seq_db_accession_code 
_struct_ref_seq_dif.db_mon_id 
_struct_ref_seq_dif.pdbx_seq_db_seq_num 
_struct_ref_seq_dif.details 
_struct_ref_seq_dif.pdbx_auth_seq_num 
_struct_ref_seq_dif.pdbx_ordinal 
1 4U7Y SER A 1  ? UNP O75351 ? ? 'expression tag' 0   1 
2 4U7Y TRP B 25 ? UNP P53990 ? ? 'expression tag' 336 2 
# 
loop_
_chem_comp.id 
_chem_comp.type 
_chem_comp.mon_nstd_flag 
_chem_comp.name 
_chem_comp.pdbx_synonyms 
_chem_comp.formula 
_chem_comp.formula_weight 
ALA 'L-peptide linking' y ALANINE         ? 'C3 H7 N O2'     89.093  
ARG 'L-peptide linking' y ARGININE        ? 'C6 H15 N4 O2 1' 175.209 
ASN 'L-peptide linking' y ASPARAGINE      ? 'C4 H8 N2 O3'    132.118 
ASP 'L-peptide linking' y 'ASPARTIC ACID' ? 'C4 H7 N O4'     133.103 
CYS 'L-peptide linking' y CYSTEINE        ? 'C3 H7 N O2 S'   121.158 
GLN 'L-peptide linking' y GLUTAMINE       ? 'C5 H10 N2 O3'   146.144 
GLU 'L-peptide linking' y 'GLUTAMIC ACID' ? 'C5 H9 N O4'     147.129 
GLY 'peptide linking'   y GLYCINE         ? 'C2 H5 N O2'     75.067  
HIS 'L-peptide linking' y HISTIDINE       ? 'C6 H10 N3 O2 1' 156.162 
HOH non-polymer         . WATER           ? 'H2 O'           18.015  
ILE 'L-peptide linking' y ISOLEUCINE      ? 'C6 H13 N O2'    131.173 
LEU 'L-peptide linking' y LEUCINE         ? 'C6 H13 N O2'    131.173 
LYS 'L-peptide linking' y LYSINE          ? 'C6 H15 N2 O2 1' 147.195 
MET 'L-peptide linking' y METHIONINE      ? 'C5 H11 N O2 S'  149.211 
PHE 'L-peptide linking' y PHENYLALANINE   ? 'C9 H11 N O2'    165.189 
PRO 'L-peptide linking' y PROLINE         ? 'C5 H9 N O2'     115.130 
SER 'L-peptide linking' y SERINE          ? 'C3 H7 N O3'     105.093 
THR 'L-peptide linking' y THREONINE       ? 'C4 H9 N O3'     119.119 
TRP 'L-peptide linking' y TRYPTOPHAN      ? 'C11 H12 N2 O2'  204.225 
TYR 'L-peptide linking' y TYROSINE        ? 'C9 H11 N O3'    181.189 
VAL 'L-peptide linking' y VALINE          ? 'C5 H11 N O2'    117.146 
# 
_exptl.absorpt_coefficient_mu     ? 
_exptl.absorpt_correction_T_max   ? 
_exptl.absorpt_correction_T_min   ? 
_exptl.absorpt_correction_type    ? 
_exptl.absorpt_process_details    ? 
_exptl.entry_id                   4U7Y 
_exptl.crystals_number            1 
_exptl.details                    ? 
_exptl.method                     'X-RAY DIFFRACTION' 
_exptl.method_details             ? 
# 
_exptl_crystal.colour                      ? 
_exptl_crystal.density_diffrn              ? 
_exptl_crystal.density_Matthews            2.25 
_exptl_crystal.density_method              ? 
_exptl_crystal.density_percent_sol         45.40 
_exptl_crystal.description                 ? 
_exptl_crystal.F_000                       ? 
_exptl_crystal.id                          1 
_exptl_crystal.preparation                 ? 
_exptl_crystal.size_max                    ? 
_exptl_crystal.size_mid                    ? 
_exptl_crystal.size_min                    ? 
_exptl_crystal.size_rad                    ? 
_exptl_crystal.colour_lustre               ? 
_exptl_crystal.colour_modifier             ? 
_exptl_crystal.colour_primary              ? 
_exptl_crystal.density_meas                ? 
_exptl_crystal.density_meas_esd            ? 
_exptl_crystal.density_meas_gt             ? 
_exptl_crystal.density_meas_lt             ? 
_exptl_crystal.density_meas_temp           ? 
_exptl_crystal.density_meas_temp_esd       ? 
_exptl_crystal.density_meas_temp_gt        ? 
_exptl_crystal.density_meas_temp_lt        ? 
_exptl_crystal.pdbx_crystal_image_url      ? 
_exptl_crystal.pdbx_crystal_image_format   ? 
_exptl_crystal.pdbx_mosaicity              ? 
_exptl_crystal.pdbx_mosaicity_esd          ? 
# 
_exptl_crystal_grow.apparatus       ? 
_exptl_crystal_grow.atmosphere      ? 
_exptl_crystal_grow.crystal_id      1 
_exptl_crystal_grow.details         ? 
_exptl_crystal_grow.method          'VAPOR DIFFUSION, SITTING DROP' 
_exptl_crystal_grow.method_ref      ? 
_exptl_crystal_grow.pH              7.3 
_exptl_crystal_grow.pressure        ? 
_exptl_crystal_grow.pressure_esd    ? 
_exptl_crystal_grow.seeding         ? 
_exptl_crystal_grow.seeding_ref     ? 
_exptl_crystal_grow.temp            299 
_exptl_crystal_grow.temp_details    ? 
_exptl_crystal_grow.temp_esd        ? 
_exptl_crystal_grow.time            ? 
_exptl_crystal_grow.pdbx_details    '2.58 M Na-malonate' 
_exptl_crystal_grow.pdbx_pH_range   5.0 
# 
_diffrn.ambient_environment    ? 
_diffrn.ambient_temp           100 
_diffrn.ambient_temp_details   ? 
_diffrn.ambient_temp_esd       ? 
_diffrn.crystal_id             1 
_diffrn.crystal_support        ? 
_diffrn.crystal_treatment      ? 
_diffrn.details                ? 
_diffrn.id                     1 
_diffrn.ambient_pressure       ? 
_diffrn.ambient_pressure_esd   ? 
_diffrn.ambient_pressure_gt    ? 
_diffrn.ambient_pressure_lt    ? 
_diffrn.ambient_temp_gt        ? 
_diffrn.ambient_temp_lt        ? 
# 
_diffrn_detector.details                      ? 
_diffrn_detector.detector                     CCD 
_diffrn_detector.diffrn_id                    1 
_diffrn_detector.type                         'MARMOSAIC 225 mm CCD' 
_diffrn_detector.area_resol_mean              ? 
_diffrn_detector.dtime                        ? 
_diffrn_detector.pdbx_frames_total            ? 
_diffrn_detector.pdbx_collection_time_total   ? 
_diffrn_detector.pdbx_collection_date         2014-02-19 
# 
_diffrn_radiation.collimation                      ? 
_diffrn_radiation.diffrn_id                        1 
_diffrn_radiation.filter_edge                      ? 
_diffrn_radiation.inhomogeneity                    ? 
_diffrn_radiation.monochromator                    ? 
_diffrn_radiation.polarisn_norm                    ? 
_diffrn_radiation.polarisn_ratio                   ? 
_diffrn_radiation.probe                            ? 
_diffrn_radiation.type                             ? 
_diffrn_radiation.xray_symbol                      ? 
_diffrn_radiation.wavelength_id                    1 
_diffrn_radiation.pdbx_monochromatic_or_laue_m_l   M 
_diffrn_radiation.pdbx_wavelength_list             ? 
_diffrn_radiation.pdbx_wavelength                  ? 
_diffrn_radiation.pdbx_diffrn_protocol             'SINGLE WAVELENGTH' 
_diffrn_radiation.pdbx_analyzer                    ? 
_diffrn_radiation.pdbx_scattering_type             x-ray 
# 
_diffrn_radiation_wavelength.id           1 
_diffrn_radiation_wavelength.wavelength   0.97872 
_diffrn_radiation_wavelength.wt           1.0 
# 
_diffrn_source.current                     ? 
_diffrn_source.details                     ? 
_diffrn_source.diffrn_id                   1 
_diffrn_source.power                       ? 
_diffrn_source.size                        ? 
_diffrn_source.source                      SYNCHROTRON 
_diffrn_source.target                      ? 
_diffrn_source.type                        'APS BEAMLINE 21-ID-F' 
_diffrn_source.voltage                     ? 
_diffrn_source.take-off_angle              ? 
_diffrn_source.pdbx_wavelength_list        0.97872 
_diffrn_source.pdbx_wavelength             ? 
_diffrn_source.pdbx_synchrotron_beamline   21-ID-F 
_diffrn_source.pdbx_synchrotron_site       APS 
# 
_reflns.B_iso_Wilson_estimate            ? 
_reflns.entry_id                         4U7Y 
_reflns.data_reduction_details           ? 
_reflns.data_reduction_method            ? 
_reflns.d_resolution_high                2.50 
_reflns.d_resolution_low                 33.82 
_reflns.details                          ? 
_reflns.limit_h_max                      ? 
_reflns.limit_h_min                      ? 
_reflns.limit_k_max                      ? 
_reflns.limit_k_min                      ? 
_reflns.limit_l_max                      ? 
_reflns.limit_l_min                      ? 
_reflns.number_all                       ? 
_reflns.number_obs                       4455 
_reflns.observed_criterion               ? 
_reflns.observed_criterion_F_max         ? 
_reflns.observed_criterion_F_min         ? 
_reflns.observed_criterion_I_max         ? 
_reflns.observed_criterion_I_min         ? 
_reflns.observed_criterion_sigma_F       ? 
_reflns.observed_criterion_sigma_I       ? 
_reflns.percent_possible_obs             96.9 
_reflns.R_free_details                   ? 
_reflns.Rmerge_F_all                     ? 
_reflns.Rmerge_F_obs                     ? 
_reflns.Friedel_coverage                 ? 
_reflns.number_gt                        ? 
_reflns.threshold_expression             ? 
_reflns.pdbx_redundancy                  12.3 
_reflns.pdbx_Rmerge_I_obs                0.112 
_reflns.pdbx_Rmerge_I_all                ? 
_reflns.pdbx_Rsym_value                  ? 
_reflns.pdbx_netI_over_av_sigmaI         ? 
_reflns.pdbx_netI_over_sigmaI            21.1 
_reflns.pdbx_res_netI_over_av_sigmaI_2   ? 
_reflns.pdbx_res_netI_over_sigmaI_2      ? 
_reflns.pdbx_chi_squared                 ? 
_reflns.pdbx_scaling_rejects             ? 
_reflns.pdbx_d_res_high_opt              ? 
_reflns.pdbx_d_res_low_opt               ? 
_reflns.pdbx_d_res_opt_method            ? 
_reflns.phase_calculation_details        ? 
_reflns.pdbx_Rrim_I_all                  ? 
_reflns.pdbx_Rpim_I_all                  ? 
_reflns.pdbx_d_opt                       ? 
_reflns.pdbx_number_measured_all         ? 
_reflns.pdbx_diffrn_id                   1 
_reflns.pdbx_ordinal                     1 
_reflns.pdbx_CC_half                     ? 
_reflns.pdbx_R_split                     ? 
# 
_reflns_shell.d_res_high                  . 
_reflns_shell.d_res_low                   ? 
_reflns_shell.meanI_over_sigI_all         ? 
_reflns_shell.meanI_over_sigI_obs         6.4 
_reflns_shell.number_measured_all         ? 
_reflns_shell.number_measured_obs         ? 
_reflns_shell.number_possible             ? 
_reflns_shell.number_unique_all           ? 
_reflns_shell.number_unique_obs           ? 
_reflns_shell.percent_possible_all        98.2 
_reflns_shell.percent_possible_obs        ? 
_reflns_shell.Rmerge_F_all                ? 
_reflns_shell.Rmerge_F_obs                ? 
_reflns_shell.Rmerge_I_all                ? 
_reflns_shell.Rmerge_I_obs                0.387 
_reflns_shell.meanI_over_sigI_gt          ? 
_reflns_shell.meanI_over_uI_all           ? 
_reflns_shell.meanI_over_uI_gt            ? 
_reflns_shell.number_measured_gt          ? 
_reflns_shell.number_unique_gt            ? 
_reflns_shell.percent_possible_gt         ? 
_reflns_shell.Rmerge_F_gt                 ? 
_reflns_shell.Rmerge_I_gt                 ? 
_reflns_shell.pdbx_redundancy             12.7 
_reflns_shell.pdbx_Rsym_value             ? 
_reflns_shell.pdbx_chi_squared            ? 
_reflns_shell.pdbx_netI_over_sigmaI_all   ? 
_reflns_shell.pdbx_netI_over_sigmaI_obs   ? 
_reflns_shell.pdbx_Rrim_I_all             ? 
_reflns_shell.pdbx_Rpim_I_all             ? 
_reflns_shell.pdbx_rejects                ? 
_reflns_shell.pdbx_ordinal                1 
_reflns_shell.pdbx_diffrn_id              1 
_reflns_shell.pdbx_CC_half                ? 
_reflns_shell.pdbx_R_split                ? 
# 
_refine.aniso_B[1][1]                            ? 
_refine.aniso_B[1][2]                            ? 
_refine.aniso_B[1][3]                            ? 
_refine.aniso_B[2][2]                            ? 
_refine.aniso_B[2][3]                            ? 
_refine.aniso_B[3][3]                            ? 
_refine.B_iso_max                                ? 
_refine.B_iso_mean                               ? 
_refine.B_iso_min                                ? 
_refine.correlation_coeff_Fo_to_Fc               ? 
_refine.correlation_coeff_Fo_to_Fc_free          ? 
_refine.details                                  ? 
_refine.diff_density_max                         ? 
_refine.diff_density_max_esd                     ? 
_refine.diff_density_min                         ? 
_refine.diff_density_min_esd                     ? 
_refine.diff_density_rms                         ? 
_refine.diff_density_rms_esd                     ? 
_refine.entry_id                                 4U7Y 
_refine.pdbx_refine_id                           'X-RAY DIFFRACTION' 
_refine.ls_abs_structure_details                 ? 
_refine.ls_abs_structure_Flack                   ? 
_refine.ls_abs_structure_Flack_esd               ? 
_refine.ls_abs_structure_Rogers                  ? 
_refine.ls_abs_structure_Rogers_esd              ? 
_refine.ls_d_res_high                            2.502 
_refine.ls_d_res_low                             33.82 
_refine.ls_extinction_coef                       ? 
_refine.ls_extinction_coef_esd                   ? 
_refine.ls_extinction_expression                 ? 
_refine.ls_extinction_method                     ? 
_refine.ls_goodness_of_fit_all                   ? 
_refine.ls_goodness_of_fit_all_esd               ? 
_refine.ls_goodness_of_fit_obs                   ? 
_refine.ls_goodness_of_fit_obs_esd               ? 
_refine.ls_hydrogen_treatment                    ? 
_refine.ls_matrix_type                           ? 
_refine.ls_number_constraints                    ? 
_refine.ls_number_parameters                     ? 
_refine.ls_number_reflns_all                     ? 
_refine.ls_number_reflns_obs                     4455 
_refine.ls_number_reflns_R_free                  226 
_refine.ls_number_reflns_R_work                  ? 
_refine.ls_number_restraints                     ? 
_refine.ls_percent_reflns_obs                    96.91 
_refine.ls_percent_reflns_R_free                 5.07 
_refine.ls_R_factor_all                          ? 
_refine.ls_R_factor_obs                          0.2276 
_refine.ls_R_factor_R_free                       0.2713 
_refine.ls_R_factor_R_free_error                 ? 
_refine.ls_R_factor_R_free_error_details         ? 
_refine.ls_R_factor_R_work                       0.2252 
_refine.ls_R_Fsqd_factor_obs                     ? 
_refine.ls_R_I_factor_obs                        ? 
_refine.ls_redundancy_reflns_all                 ? 
_refine.ls_redundancy_reflns_obs                 ? 
_refine.ls_restrained_S_all                      ? 
_refine.ls_restrained_S_obs                      ? 
_refine.ls_shift_over_esd_max                    ? 
_refine.ls_shift_over_esd_mean                   ? 
_refine.ls_structure_factor_coef                 ? 
_refine.ls_weighting_details                     ? 
_refine.ls_weighting_scheme                      ? 
_refine.ls_wR_factor_all                         ? 
_refine.ls_wR_factor_obs                         ? 
_refine.ls_wR_factor_R_free                      ? 
_refine.ls_wR_factor_R_work                      ? 
_refine.occupancy_max                            ? 
_refine.occupancy_min                            ? 
_refine.solvent_model_details                    'FLAT BULK SOLVENT MODEL' 
_refine.solvent_model_param_bsol                 ? 
_refine.solvent_model_param_ksol                 ? 
_refine.ls_R_factor_gt                           ? 
_refine.ls_goodness_of_fit_gt                    ? 
_refine.ls_goodness_of_fit_ref                   ? 
_refine.ls_shift_over_su_max                     ? 
_refine.ls_shift_over_su_max_lt                  ? 
_refine.ls_shift_over_su_mean                    ? 
_refine.ls_shift_over_su_mean_lt                 ? 
_refine.pdbx_ls_sigma_I                          ? 
_refine.pdbx_ls_sigma_F                          1.35 
_refine.pdbx_ls_sigma_Fsqd                       ? 
_refine.pdbx_data_cutoff_high_absF               ? 
_refine.pdbx_data_cutoff_high_rms_absF           ? 
_refine.pdbx_data_cutoff_low_absF                ? 
_refine.pdbx_isotropic_thermal_model             ? 
_refine.pdbx_ls_cross_valid_method               NONE 
_refine.pdbx_method_to_determine_struct          'MOLECULAR REPLACEMENT' 
_refine.pdbx_starting_model                      1WR0 
_refine.pdbx_stereochemistry_target_values       ML 
_refine.pdbx_R_Free_selection_details            ? 
_refine.pdbx_stereochem_target_val_spec_case     ? 
_refine.pdbx_overall_ESU_R                       ? 
_refine.pdbx_overall_ESU_R_Free                  ? 
_refine.pdbx_solvent_vdw_probe_radii             1.11 
_refine.pdbx_solvent_ion_probe_radii             ? 
_refine.pdbx_solvent_shrinkage_radii             0.90 
_refine.pdbx_real_space_R                        ? 
_refine.pdbx_density_correlation                 ? 
_refine.pdbx_pd_number_of_powder_patterns        ? 
_refine.pdbx_pd_number_of_points                 ? 
_refine.pdbx_pd_meas_number_of_points            ? 
_refine.pdbx_pd_proc_ls_prof_R_factor            ? 
_refine.pdbx_pd_proc_ls_prof_wR_factor           ? 
_refine.pdbx_pd_Marquardt_correlation_coeff      ? 
_refine.pdbx_pd_Fsqrd_R_factor                   ? 
_refine.pdbx_pd_ls_matrix_band_width             ? 
_refine.pdbx_overall_phase_error                 28.44 
_refine.pdbx_overall_SU_R_free_Cruickshank_DPI   ? 
_refine.pdbx_overall_SU_R_free_Blow_DPI          ? 
_refine.pdbx_overall_SU_R_Blow_DPI               ? 
_refine.pdbx_TLS_residual_ADP_flag               ? 
_refine.pdbx_diffrn_id                           1 
_refine.overall_SU_B                             ? 
_refine.overall_SU_ML                            0.39 
_refine.overall_SU_R_Cruickshank_DPI             ? 
_refine.overall_SU_R_free                        ? 
_refine.overall_FOM_free_R_set                   ? 
_refine.overall_FOM_work_R_set                   ? 
# 
_refine_hist.pdbx_refine_id                   'X-RAY DIFFRACTION' 
_refine_hist.cycle_id                         LAST 
_refine_hist.pdbx_number_atoms_protein        716 
_refine_hist.pdbx_number_atoms_nucleic_acid   0 
_refine_hist.pdbx_number_atoms_ligand         0 
_refine_hist.number_atoms_solvent             6 
_refine_hist.number_atoms_total               722 
_refine_hist.d_res_high                       2.502 
_refine_hist.d_res_low                        33.82 
# 
loop_
_refine_ls_restr.pdbx_refine_id 
_refine_ls_restr.criterion 
_refine_ls_restr.dev_ideal 
_refine_ls_restr.dev_ideal_target 
_refine_ls_restr.number 
_refine_ls_restr.rejects 
_refine_ls_restr.type 
_refine_ls_restr.weight 
_refine_ls_restr.pdbx_restraint_function 
'X-RAY DIFFRACTION' ? 0.007  ? 725 ? f_bond_d           ? ? 
'X-RAY DIFFRACTION' ? 0.997  ? 978 ? f_angle_d          ? ? 
'X-RAY DIFFRACTION' ? 16.239 ? 253 ? f_dihedral_angle_d ? ? 
'X-RAY DIFFRACTION' ? 0.038  ? 111 ? f_chiral_restr     ? ? 
'X-RAY DIFFRACTION' ? 0.004  ? 126 ? f_plane_restr      ? ? 
# 
loop_
_refine_ls_shell.pdbx_refine_id 
_refine_ls_shell.d_res_high 
_refine_ls_shell.d_res_low 
_refine_ls_shell.number_reflns_all 
_refine_ls_shell.number_reflns_obs 
_refine_ls_shell.number_reflns_R_free 
_refine_ls_shell.number_reflns_R_work 
_refine_ls_shell.percent_reflns_obs 
_refine_ls_shell.percent_reflns_R_free 
_refine_ls_shell.R_factor_all 
_refine_ls_shell.R_factor_obs 
_refine_ls_shell.R_factor_R_free 
_refine_ls_shell.R_factor_R_free_error 
_refine_ls_shell.R_factor_R_work 
_refine_ls_shell.redundancy_reflns_all 
_refine_ls_shell.redundancy_reflns_obs 
_refine_ls_shell.wR_factor_all 
_refine_ls_shell.wR_factor_obs 
_refine_ls_shell.wR_factor_R_free 
_refine_ls_shell.wR_factor_R_work 
_refine_ls_shell.pdbx_total_number_of_bins_used 
_refine_ls_shell.pdbx_phase_error 
'X-RAY DIFFRACTION' 2.502  3.1520  . . 103 2071 98.00 . . . 0.3712 . 0.2485 . . . . . . . . 
'X-RAY DIFFRACTION' 3.1520 33.8241 . . 123 2158 96.00 . . . 0.2355 . 0.2158 . . . . . . . . 
# 
_struct.entry_id                     4U7Y 
_struct.title                        'Structure of the complex of VPS4B MIT and IST1 MIM' 
_struct.pdbx_model_details           ? 
_struct.pdbx_formula_weight          ? 
_struct.pdbx_formula_weight_method   ? 
_struct.pdbx_model_type_details      ? 
_struct.pdbx_CASP_flag               ? 
# 
_struct_keywords.entry_id        4U7Y 
_struct_keywords.text            'complex, MIM1, PROTEIN TRANSPORT' 
_struct_keywords.pdbx_keywords   'PROTEIN TRANSPORT' 
# 
loop_
_struct_asym.id 
_struct_asym.pdbx_blank_PDB_chainid_flag 
_struct_asym.pdbx_modified 
_struct_asym.entity_id 
_struct_asym.details 
A N N 1 ? 
B N N 2 ? 
C N N 3 ? 
D N N 3 ? 
# 
loop_
_struct_conf.conf_type_id 
_struct_conf.id 
_struct_conf.pdbx_PDB_helix_id 
_struct_conf.beg_label_comp_id 
_struct_conf.beg_label_asym_id 
_struct_conf.beg_label_seq_id 
_struct_conf.pdbx_beg_PDB_ins_code 
_struct_conf.end_label_comp_id 
_struct_conf.end_label_asym_id 
_struct_conf.end_label_seq_id 
_struct_conf.pdbx_end_PDB_ins_code 
_struct_conf.beg_auth_comp_id 
_struct_conf.beg_auth_asym_id 
_struct_conf.beg_auth_seq_id 
_struct_conf.end_auth_comp_id 
_struct_conf.end_auth_asym_id 
_struct_conf.end_auth_seq_id 
_struct_conf.pdbx_PDB_helix_class 
_struct_conf.details 
_struct_conf.pdbx_PDB_helix_length 
HELX_P HELX_P1 AA1 SER A 6  ? GLY A 26 ? SER A 5   GLY A 25  1 ? 21 
HELX_P HELX_P2 AA2 ASN A 27 ? GLU A 49 ? ASN A 26  GLU A 48  1 ? 23 
HELX_P HELX_P3 AA3 GLY A 52 ? LYS A 83 ? GLY A 51  LYS A 82  1 ? 32 
HELX_P HELX_P4 AA4 PHE B 10 ? LEU B 20 ? PHE B 321 LEU B 331 1 ? 11 
# 
_struct_conf_type.id          HELX_P 
_struct_conf_type.criteria    ? 
_struct_conf_type.reference   ? 
# 
_atom_sites.entry_id                    4U7Y 
_atom_sites.fract_transf_matrix[1][1]   -0.01042219 
_atom_sites.fract_transf_matrix[1][2]   0.00755713 
_atom_sites.fract_transf_matrix[1][3]   -0.00715445 
_atom_sites.fract_transf_matrix[2][1]   0.00336088 
_atom_sites.fract_transf_matrix[2][2]   0.01272034 
_atom_sites.fract_transf_matrix[2][3]   -0.00661902 
_atom_sites.fract_transf_matrix[3][1]   0.00322557 
_atom_sites.fract_transf_matrix[3][2]   -0.00732134 
_atom_sites.fract_transf_matrix[3][3]   -0.01243223 
_atom_sites.fract_transf_vector[1]      0.362271 
_atom_sites.fract_transf_vector[2]      0.480537 
_atom_sites.fract_transf_vector[3]      0.224046 
# 
loop_
_atom_type.symbol 
C 
N 
O 
S 
# 
loop_
_atom_site.group_PDB 
_atom_site.id 
_atom_site.type_symbol 
_atom_site.label_atom_id 
_atom_site.label_alt_id 
_atom_site.label_comp_id 
_atom_site.label_asym_id 
_atom_site.label_entity_id 
_atom_site.label_seq_id 
_atom_site.pdbx_PDB_ins_code 
_atom_site.Cartn_x 
_atom_site.Cartn_y 
_atom_site.Cartn_z 
_atom_site.occupancy 
_atom_site.B_iso_or_equiv 
_atom_site.pdbx_formal_charge 
_atom_site.auth_seq_id 
_atom_site.auth_comp_id 
_atom_site.auth_asym_id 
_atom_site.auth_atom_id 
_atom_site.pdbx_PDB_model_num 
ATOM   1   N N   . MET A 1 2  ? -0.132  -8.575  -25.262 1.00 65.90 ? 1   MET A N   1 
ATOM   2   C CA  . MET A 1 2  ? -0.136  -8.168  -23.861 1.00 57.75 ? 1   MET A CA  1 
ATOM   3   C C   . MET A 1 2  ? 1.295   -7.805  -23.441 1.00 61.69 ? 1   MET A C   1 
ATOM   4   O O   . MET A 1 2  ? 2.242   -8.089  -24.178 1.00 57.77 ? 1   MET A O   1 
ATOM   5   C CB  . MET A 1 2  ? -0.731  -9.272  -22.979 1.00 52.09 ? 1   MET A CB  1 
ATOM   6   C CG  . MET A 1 2  ? -2.209  -9.578  -23.278 1.00 49.39 ? 1   MET A CG  1 
ATOM   7   N N   . SER A 1 3  ? 1.448   -7.198  -22.259 1.00 64.95 ? 2   SER A N   1 
ATOM   8   C CA  . SER A 1 3  ? 2.661   -6.437  -21.913 1.00 55.18 ? 2   SER A CA  1 
ATOM   9   C C   . SER A 1 3  ? 3.398   -6.776  -20.594 1.00 48.73 ? 2   SER A C   1 
ATOM   10  O O   . SER A 1 3  ? 3.089   -7.754  -19.914 1.00 51.26 ? 2   SER A O   1 
ATOM   11  C CB  . SER A 1 3  ? 2.302   -4.959  -21.866 1.00 51.82 ? 2   SER A CB  1 
ATOM   12  O OG  . SER A 1 3  ? 1.545   -4.692  -20.698 1.00 52.66 ? 2   SER A OG  1 
ATOM   13  N N   . SER A 1 4  ? 4.354   -5.919  -20.238 1.00 42.57 ? 3   SER A N   1 
ATOM   14  C CA  . SER A 1 4  ? 5.298   -6.191  -19.155 1.00 42.45 ? 3   SER A CA  1 
ATOM   15  C C   . SER A 1 4  ? 5.006   -5.462  -17.836 1.00 38.85 ? 3   SER A C   1 
ATOM   16  O O   . SER A 1 4  ? 4.826   -4.243  -17.800 1.00 42.66 ? 3   SER A O   1 
ATOM   17  C CB  . SER A 1 4  ? 6.717   -5.830  -19.605 1.00 38.78 ? 3   SER A CB  1 
ATOM   18  N N   . THR A 1 5  ? 4.988   -6.243  -16.761 1.00 29.57 ? 4   THR A N   1 
ATOM   19  C CA  . THR A 1 5  ? 4.984   -5.764  -15.380 1.00 31.38 ? 4   THR A CA  1 
ATOM   20  C C   . THR A 1 5  ? 6.406   -5.473  -14.867 1.00 29.14 ? 4   THR A C   1 
ATOM   21  O O   . THR A 1 5  ? 7.235   -6.368  -14.782 1.00 30.16 ? 4   THR A O   1 
ATOM   22  C CB  . THR A 1 5  ? 4.322   -6.804  -14.440 1.00 34.39 ? 4   THR A CB  1 
ATOM   23  O OG1 . THR A 1 5  ? 2.898   -6.775  -14.600 1.00 41.47 ? 4   THR A OG1 1 
ATOM   24  C CG2 . THR A 1 5  ? 4.655   -6.519  -12.996 1.00 33.86 ? 4   THR A CG2 1 
ATOM   25  N N   . SER A 1 6  ? 6.682   -4.225  -14.518 1.00 26.33 ? 5   SER A N   1 
ATOM   26  C CA  . SER A 1 6  ? 8.010   -3.844  -14.063 1.00 25.48 ? 5   SER A CA  1 
ATOM   27  C C   . SER A 1 6  ? 8.353   -4.526  -12.756 1.00 28.33 ? 5   SER A C   1 
ATOM   28  O O   . SER A 1 6  ? 7.458   -4.866  -11.991 1.00 30.50 ? 5   SER A O   1 
ATOM   29  C CB  . SER A 1 6  ? 8.110   -2.328  -13.885 1.00 27.07 ? 5   SER A CB  1 
ATOM   30  O OG  . SER A 1 6  ? 7.766   -1.953  -12.557 1.00 29.59 ? 5   SER A OG  1 
ATOM   31  N N   . PRO A 1 7  ? 9.654   -4.715  -12.486 1.00 32.08 ? 6   PRO A N   1 
ATOM   32  C CA  . PRO A 1 7  ? 10.071  -5.353  -11.232 1.00 27.16 ? 6   PRO A CA  1 
ATOM   33  C C   . PRO A 1 7  ? 9.627   -4.565  -9.993  1.00 30.67 ? 6   PRO A C   1 
ATOM   34  O O   . PRO A 1 7  ? 9.241   -5.175  -8.986  1.00 31.08 ? 6   PRO A O   1 
ATOM   35  C CB  . PRO A 1 7  ? 11.607  -5.391  -11.343 1.00 27.56 ? 6   PRO A CB  1 
ATOM   36  C CG  . PRO A 1 7  ? 11.877  -5.318  -12.817 1.00 27.80 ? 6   PRO A CG  1 
ATOM   37  C CD  . PRO A 1 7  ? 10.804  -4.431  -13.371 1.00 29.08 ? 6   PRO A CD  1 
ATOM   38  N N   . ASN A 1 8  ? 9.674   -3.239  -10.052 1.00 24.68 ? 7   ASN A N   1 
ATOM   39  C CA  . ASN A 1 8  ? 9.174   -2.460  -8.933  1.00 26.70 ? 7   ASN A CA  1 
ATOM   40  C C   . ASN A 1 8  ? 7.674   -2.654  -8.742  1.00 29.00 ? 7   ASN A C   1 
ATOM   41  O O   . ASN A 1 8  ? 7.191   -2.793  -7.612  1.00 27.53 ? 7   ASN A O   1 
ATOM   42  C CB  . ASN A 1 8  ? 9.494   -0.997  -9.123  1.00 22.18 ? 7   ASN A CB  1 
ATOM   43  C CG  . ASN A 1 8  ? 10.911  -0.681  -8.764  1.00 28.44 ? 7   ASN A CG  1 
ATOM   44  O OD1 . ASN A 1 8  ? 11.445  -1.204  -7.792  1.00 28.70 ? 7   ASN A OD1 1 
ATOM   45  N ND2 . ASN A 1 8  ? 11.540  0.172   -9.550  1.00 26.49 ? 7   ASN A ND2 1 
ATOM   46  N N   . LEU A 1 9  ? 6.943   -2.684  -9.849  1.00 27.79 ? 8   LEU A N   1 
ATOM   47  C CA  . LEU A 1 9  ? 5.504   -2.882  -9.783  1.00 29.09 ? 8   LEU A CA  1 
ATOM   48  C C   . LEU A 1 9  ? 5.203   -4.315  -9.353  1.00 32.57 ? 8   LEU A C   1 
ATOM   49  O O   . LEU A 1 9  ? 4.184   -4.571  -8.704  1.00 30.85 ? 8   LEU A O   1 
ATOM   50  C CB  . LEU A 1 9  ? 4.841   -2.554  -11.129 1.00 24.21 ? 8   LEU A CB  1 
ATOM   51  C CG  . LEU A 1 9  ? 3.326   -2.792  -11.263 1.00 28.17 ? 8   LEU A CG  1 
ATOM   52  C CD1 . LEU A 1 9  ? 2.500   -2.188  -10.115 1.00 26.45 ? 8   LEU A CD1 1 
ATOM   53  C CD2 . LEU A 1 9  ? 2.819   -2.287  -12.608 1.00 28.74 ? 8   LEU A CD2 1 
ATOM   54  N N   . GLN A 1 10 ? 6.091   -5.254  -9.679  1.00 29.10 ? 9   GLN A N   1 
ATOM   55  C CA  . GLN A 1 10 ? 5.866   -6.630  -9.241  1.00 30.59 ? 9   GLN A CA  1 
ATOM   56  C C   . GLN A 1 10 ? 6.092   -6.748  -7.735  1.00 28.75 ? 9   GLN A C   1 
ATOM   57  O O   . GLN A 1 10 ? 5.413   -7.511  -7.047  1.00 30.56 ? 9   GLN A O   1 
ATOM   58  C CB  . GLN A 1 10 ? 6.761   -7.609  -9.995  1.00 30.25 ? 9   GLN A CB  1 
ATOM   59  C CG  . GLN A 1 10 ? 6.438   -9.076  -9.720  1.00 30.35 ? 9   GLN A CG  1 
ATOM   60  C CD  . GLN A 1 10 ? 4.989   -9.434  -10.051 1.00 40.93 ? 9   GLN A CD  1 
ATOM   61  O OE1 . GLN A 1 10 ? 4.530   -9.244  -11.181 1.00 44.66 ? 9   GLN A OE1 1 
ATOM   62  N NE2 . GLN A 1 10 ? 4.264   -9.950  -9.059  1.00 34.82 ? 9   GLN A NE2 1 
ATOM   63  N N   . LYS A 1 11 ? 7.039   -5.970  -7.235  1.00 28.57 ? 10  LYS A N   1 
ATOM   64  C CA  . LYS A 1 11 ? 7.306   -5.907  -5.817  1.00 27.85 ? 10  LYS A CA  1 
ATOM   65  C C   . LYS A 1 11 ? 6.059   -5.403  -5.098  1.00 31.28 ? 10  LYS A C   1 
ATOM   66  O O   . LYS A 1 11 ? 5.696   -5.903  -4.030  1.00 31.78 ? 10  LYS A O   1 
ATOM   67  C CB  . LYS A 1 11 ? 8.511   -4.997  -5.538  1.00 30.14 ? 10  LYS A CB  1 
ATOM   68  C CG  . LYS A 1 11 ? 9.179   -5.226  -4.186  1.00 31.34 ? 10  LYS A CG  1 
ATOM   69  N N   . ALA A 1 12 ? 5.387   -4.427  -5.702  1.00 30.12 ? 11  ALA A N   1 
ATOM   70  C CA  . ALA A 1 12 ? 4.232   -3.794  -5.073  1.00 31.42 ? 11  ALA A CA  1 
ATOM   71  C C   . ALA A 1 12 ? 3.095   -4.800  -4.903  1.00 30.42 ? 11  ALA A C   1 
ATOM   72  O O   . ALA A 1 12 ? 2.444   -4.864  -3.851  1.00 27.47 ? 11  ALA A O   1 
ATOM   73  C CB  . ALA A 1 12 ? 3.765   -2.574  -5.898  1.00 24.62 ? 11  ALA A CB  1 
ATOM   74  N N   . ILE A 1 13 ? 2.881   -5.593  -5.947  1.00 29.80 ? 12  ILE A N   1 
ATOM   75  C CA  . ILE A 1 13 ? 1.796   -6.567  -5.985  1.00 31.99 ? 12  ILE A CA  1 
ATOM   76  C C   . ILE A 1 13 ? 2.046   -7.722  -5.026  1.00 29.26 ? 12  ILE A C   1 
ATOM   77  O O   . ILE A 1 13 ? 1.137   -8.171  -4.319  1.00 30.25 ? 12  ILE A O   1 
ATOM   78  C CB  . ILE A 1 13 ? 1.602   -7.108  -7.423  1.00 33.36 ? 12  ILE A CB  1 
ATOM   79  C CG1 . ILE A 1 13 ? 1.032   -6.002  -8.312  1.00 21.64 ? 12  ILE A CG1 1 
ATOM   80  C CG2 . ILE A 1 13 ? 0.714   -8.346  -7.446  1.00 20.58 ? 12  ILE A CG2 1 
ATOM   81  C CD1 . ILE A 1 13 ? 1.551   -6.071  -9.713  1.00 28.17 ? 12  ILE A CD1 1 
ATOM   82  N N   . ASP A 1 14 ? 3.286   -8.191  -5.001  1.00 29.54 ? 13  ASP A N   1 
ATOM   83  C CA  . ASP A 1 14 ? 3.659   -9.279  -4.107  1.00 30.61 ? 13  ASP A CA  1 
ATOM   84  C C   . ASP A 1 14 ? 3.479   -8.890  -2.654  1.00 30.74 ? 13  ASP A C   1 
ATOM   85  O O   . ASP A 1 14 ? 2.820   -9.603  -1.893  1.00 31.14 ? 13  ASP A O   1 
ATOM   86  C CB  . ASP A 1 14 ? 5.098   -9.712  -4.370  1.00 27.97 ? 13  ASP A CB  1 
ATOM   87  C CG  . ASP A 1 14 ? 5.235   -10.487 -5.666  1.00 36.41 ? 13  ASP A CG  1 
ATOM   88  O OD1 . ASP A 1 14 ? 4.203   -11.039 -6.124  1.00 37.60 ? 13  ASP A OD1 1 
ATOM   89  O OD2 . ASP A 1 14 ? 6.362   -10.554 -6.220  1.00 42.99 ? 13  ASP A OD2 1 
ATOM   90  N N   . LEU A 1 15 ? 4.058   -7.749  -2.290  1.00 30.87 ? 14  LEU A N   1 
ATOM   91  C CA  . LEU A 1 15 ? 3.913   -7.189  -0.956  1.00 29.99 ? 14  LEU A CA  1 
ATOM   92  C C   . LEU A 1 15 ? 2.444   -7.034  -0.557  1.00 29.14 ? 14  LEU A C   1 
ATOM   93  O O   . LEU A 1 15 ? 2.061   -7.420  0.544   1.00 32.48 ? 14  LEU A O   1 
ATOM   94  C CB  . LEU A 1 15 ? 4.615   -5.832  -0.870  1.00 29.81 ? 14  LEU A CB  1 
ATOM   95  C CG  . LEU A 1 15 ? 6.135   -5.794  -0.887  1.00 26.53 ? 14  LEU A CG  1 
ATOM   96  C CD1 . LEU A 1 15 ? 6.617   -4.368  -1.073  1.00 27.73 ? 14  LEU A CD1 1 
ATOM   97  C CD2 . LEU A 1 15 ? 6.657   -6.358  0.396   1.00 27.13 ? 14  LEU A CD2 1 
ATOM   98  N N   . ALA A 1 16 ? 1.639   -6.452  -1.444  1.00 27.98 ? 15  ALA A N   1 
ATOM   99  C CA  . ALA A 1 16 ? 0.212   -6.278  -1.180  1.00 28.47 ? 15  ALA A CA  1 
ATOM   100 C C   . ALA A 1 16 ? -0.440  -7.633  -0.977  1.00 30.70 ? 15  ALA A C   1 
ATOM   101 O O   . ALA A 1 16 ? -1.261  -7.802  -0.083  1.00 29.28 ? 15  ALA A O   1 
ATOM   102 C CB  . ALA A 1 16 ? -0.478  -5.517  -2.320  1.00 23.31 ? 15  ALA A CB  1 
ATOM   103 N N   . SER A 1 17 ? -0.060  -8.597  -1.807  1.00 30.56 ? 16  SER A N   1 
ATOM   104 C CA  . SER A 1 17 ? -0.639  -9.923  -1.741  1.00 30.82 ? 16  SER A CA  1 
ATOM   105 C C   . SER A 1 17 ? -0.401  -10.542 -0.369  1.00 32.32 ? 16  SER A C   1 
ATOM   106 O O   . SER A 1 17 ? -1.311  -11.109 0.252   1.00 30.48 ? 16  SER A O   1 
ATOM   107 C CB  . SER A 1 17 ? -0.052  -10.805 -2.836  1.00 30.47 ? 16  SER A CB  1 
ATOM   108 O OG  . SER A 1 17 ? -0.470  -12.145 -2.659  1.00 43.85 ? 16  SER A OG  1 
ATOM   109 N N   . LYS A 1 18 ? 0.836   -10.413 0.096   1.00 32.48 ? 17  LYS A N   1 
ATOM   110 C CA  . LYS A 1 18 ? 1.223   -10.920 1.401   1.00 34.86 ? 17  LYS A CA  1 
ATOM   111 C C   . LYS A 1 18 ? 0.550   -10.119 2.522   1.00 32.15 ? 17  LYS A C   1 
ATOM   112 O O   . LYS A 1 18 ? 0.183   -10.687 3.540   1.00 38.46 ? 17  LYS A O   1 
ATOM   113 C CB  . LYS A 1 18 ? 2.752   -10.903 1.555   1.00 30.88 ? 17  LYS A CB  1 
ATOM   114 N N   . ALA A 1 19 ? 0.379   -8.816  2.332   1.00 25.64 ? 18  ALA A N   1 
ATOM   115 C CA  . ALA A 1 19 ? -0.334  -7.992  3.301   1.00 31.43 ? 18  ALA A CA  1 
ATOM   116 C C   . ALA A 1 19 ? -1.756  -8.515  3.518   1.00 35.04 ? 18  ALA A C   1 
ATOM   117 O O   . ALA A 1 19 ? -2.208  -8.709  4.657   1.00 32.46 ? 18  ALA A O   1 
ATOM   118 C CB  . ALA A 1 19 ? -0.368  -6.532  2.840   1.00 28.79 ? 18  ALA A CB  1 
ATOM   119 N N   . ALA A 1 20 ? -2.453  -8.722  2.405   1.00 29.86 ? 19  ALA A N   1 
ATOM   120 C CA  . ALA A 1 20 ? -3.795  -9.262  2.411   1.00 33.35 ? 19  ALA A CA  1 
ATOM   121 C C   . ALA A 1 20 ? -3.827  -10.589 3.160   1.00 39.80 ? 19  ALA A C   1 
ATOM   122 O O   . ALA A 1 20 ? -4.674  -10.788 4.034   1.00 35.80 ? 19  ALA A O   1 
ATOM   123 C CB  . ALA A 1 20 ? -4.306  -9.441  0.986   1.00 28.89 ? 19  ALA A CB  1 
ATOM   124 N N   . GLN A 1 21 ? -2.902  -11.486 2.807   1.00 36.15 ? 20  GLN A N   1 
ATOM   125 C CA  . GLN A 1 21 ? -2.780  -12.774 3.484   1.00 35.36 ? 20  GLN A CA  1 
ATOM   126 C C   . GLN A 1 21 ? -2.624  -12.554 4.990   1.00 38.10 ? 20  GLN A C   1 
ATOM   127 O O   . GLN A 1 21 ? -3.450  -13.004 5.783   1.00 41.04 ? 20  GLN A O   1 
ATOM   128 C CB  . GLN A 1 21 ? -1.601  -13.578 2.920   1.00 31.39 ? 20  GLN A CB  1 
ATOM   129 N N   . GLU A 1 22 ? -1.579  -11.829 5.375   1.00 36.48 ? 21  GLU A N   1 
ATOM   130 C CA  . GLU A 1 22 ? -1.315  -11.531 6.776   1.00 35.84 ? 21  GLU A CA  1 
ATOM   131 C C   . GLU A 1 22 ? -2.473  -10.796 7.472   1.00 39.87 ? 21  GLU A C   1 
ATOM   132 O O   . GLU A 1 22 ? -2.802  -11.106 8.623   1.00 36.38 ? 21  GLU A O   1 
ATOM   133 C CB  . GLU A 1 22 ? -0.029  -10.724 6.884   1.00 36.19 ? 21  GLU A CB  1 
ATOM   134 C CG  . GLU A 1 22 ? 1.211   -11.539 6.552   1.00 37.09 ? 21  GLU A CG  1 
ATOM   135 C CD  . GLU A 1 22 ? 1.580   -12.518 7.654   1.00 44.42 ? 21  GLU A CD  1 
ATOM   136 O OE1 . GLU A 1 22 ? 2.107   -12.076 8.699   1.00 53.75 ? 21  GLU A OE1 1 
ATOM   137 O OE2 . GLU A 1 22 ? 1.340   -13.726 7.482   1.00 41.85 ? 21  GLU A OE2 1 
ATOM   138 N N   . ASP A 1 23 ? -3.088  -9.840  6.777   1.00 36.47 ? 22  ASP A N   1 
ATOM   139 C CA  . ASP A 1 23 ? -4.286  -9.156  7.281   1.00 34.82 ? 22  ASP A CA  1 
ATOM   140 C C   . ASP A 1 23 ? -5.363  -10.159 7.731   1.00 38.67 ? 22  ASP A C   1 
ATOM   141 O O   . ASP A 1 23 ? -5.770  -10.169 8.893   1.00 40.41 ? 22  ASP A O   1 
ATOM   142 C CB  . ASP A 1 23 ? -4.855  -8.220  6.203   1.00 35.55 ? 22  ASP A CB  1 
ATOM   143 C CG  . ASP A 1 23 ? -5.871  -7.220  6.748   1.00 35.81 ? 22  ASP A CG  1 
ATOM   144 O OD1 . ASP A 1 23 ? -6.418  -7.425  7.850   1.00 34.00 ? 22  ASP A OD1 1 
ATOM   145 O OD2 . ASP A 1 23 ? -6.136  -6.223  6.051   1.00 35.97 ? 22  ASP A OD2 1 
ATOM   146 N N   . LYS A 1 24 ? -5.809  -11.004 6.804   1.00 40.01 ? 23  LYS A N   1 
ATOM   147 C CA  . LYS A 1 24 ? -6.863  -11.983 7.063   1.00 36.95 ? 23  LYS A CA  1 
ATOM   148 C C   . LYS A 1 24 ? -6.466  -12.968 8.154   1.00 39.97 ? 23  LYS A C   1 
ATOM   149 O O   . LYS A 1 24 ? -7.329  -13.520 8.834   1.00 46.06 ? 23  LYS A O   1 
ATOM   150 C CB  . LYS A 1 24 ? -7.222  -12.744 5.780   1.00 35.58 ? 23  LYS A CB  1 
ATOM   151 C CG  . LYS A 1 24 ? -7.948  -11.905 4.731   1.00 41.62 ? 23  LYS A CG  1 
ATOM   152 N N   . ALA A 1 25 ? -5.162  -13.171 8.329   1.00 41.62 ? 24  ALA A N   1 
ATOM   153 C CA  . ALA A 1 25 ? -4.647  -14.080 9.359   1.00 44.30 ? 24  ALA A CA  1 
ATOM   154 C C   . ALA A 1 25 ? -4.618  -13.441 10.751  1.00 47.36 ? 24  ALA A C   1 
ATOM   155 O O   . ALA A 1 25 ? -4.383  -14.123 11.753  1.00 49.82 ? 24  ALA A O   1 
ATOM   156 C CB  . ALA A 1 25 ? -3.249  -14.574 8.989   1.00 32.80 ? 24  ALA A CB  1 
ATOM   157 N N   . GLY A 1 26 ? -4.838  -12.134 10.819  1.00 44.95 ? 25  GLY A N   1 
ATOM   158 C CA  . GLY A 1 26 ? -4.894  -11.473 12.109  1.00 48.35 ? 25  GLY A CA  1 
ATOM   159 C C   . GLY A 1 26 ? -3.552  -11.026 12.655  1.00 45.40 ? 25  GLY A C   1 
ATOM   160 O O   . GLY A 1 26 ? -3.488  -10.495 13.766  1.00 47.79 ? 25  GLY A O   1 
ATOM   161 N N   . ASN A 1 27 ? -2.487  -11.255 11.887  1.00 42.44 ? 26  ASN A N   1 
ATOM   162 C CA  . ASN A 1 27 ? -1.188  -10.631 12.156  1.00 43.79 ? 26  ASN A CA  1 
ATOM   163 C C   . ASN A 1 27 ? -1.190  -9.182  11.635  1.00 44.31 ? 26  ASN A C   1 
ATOM   164 O O   . ASN A 1 27 ? -0.666  -8.878  10.548  1.00 42.20 ? 26  ASN A O   1 
ATOM   165 C CB  . ASN A 1 27 ? -0.054  -11.439 11.515  1.00 46.67 ? 26  ASN A CB  1 
ATOM   166 C CG  . ASN A 1 27 ? -0.253  -12.948 11.659  1.00 51.38 ? 26  ASN A CG  1 
ATOM   167 O OD1 . ASN A 1 27 ? -1.101  -13.406 12.428  1.00 51.53 ? 26  ASN A OD1 1 
ATOM   168 N ND2 . ASN A 1 27 ? 0.532   -13.723 10.913  1.00 50.44 ? 26  ASN A ND2 1 
ATOM   169 N N   . TYR A 1 28 ? -1.809  -8.296  12.407  1.00 38.76 ? 27  TYR A N   1 
ATOM   170 C CA  . TYR A 1 28 ? -2.040  -6.932  11.961  1.00 41.33 ? 27  TYR A CA  1 
ATOM   171 C C   . TYR A 1 28 ? -0.766  -6.102  11.900  1.00 38.51 ? 27  TYR A C   1 
ATOM   172 O O   . TYR A 1 28 ? -0.642  -5.223  11.039  1.00 39.63 ? 27  TYR A O   1 
ATOM   173 C CB  . TYR A 1 28 ? -3.064  -6.248  12.860  1.00 35.35 ? 27  TYR A CB  1 
ATOM   174 C CG  . TYR A 1 28 ? -4.449  -6.763  12.642  1.00 35.09 ? 27  TYR A CG  1 
ATOM   175 C CD1 . TYR A 1 28 ? -4.775  -7.444  11.476  1.00 37.53 ? 27  TYR A CD1 1 
ATOM   176 C CD2 . TYR A 1 28 ? -5.435  -6.577  13.594  1.00 37.67 ? 27  TYR A CD2 1 
ATOM   177 C CE1 . TYR A 1 28 ? -6.058  -7.922  11.261  1.00 35.90 ? 27  TYR A CE1 1 
ATOM   178 C CE2 . TYR A 1 28 ? -6.717  -7.051  13.396  1.00 44.38 ? 27  TYR A CE2 1 
ATOM   179 C CZ  . TYR A 1 28 ? -7.027  -7.724  12.223  1.00 39.59 ? 27  TYR A CZ  1 
ATOM   180 O OH  . TYR A 1 28 ? -8.305  -8.196  12.022  1.00 37.28 ? 27  TYR A OH  1 
ATOM   181 N N   . GLU A 1 29 ? 0.173   -6.367  12.805  1.00 38.18 ? 28  GLU A N   1 
ATOM   182 C CA  . GLU A 1 29 ? 1.428   -5.615  12.820  1.00 38.14 ? 28  GLU A CA  1 
ATOM   183 C C   . GLU A 1 29 ? 2.233   -5.919  11.557  1.00 36.41 ? 28  GLU A C   1 
ATOM   184 O O   . GLU A 1 29 ? 2.738   -5.006  10.904  1.00 35.83 ? 28  GLU A O   1 
ATOM   185 C CB  . GLU A 1 29 ? 2.246   -5.928  14.074  1.00 35.79 ? 28  GLU A CB  1 
ATOM   186 N N   . GLU A 1 30 ? 2.321   -7.196  11.194  1.00 39.93 ? 29  GLU A N   1 
ATOM   187 C CA  . GLU A 1 30 ? 3.016   -7.580  9.969   1.00 40.53 ? 29  GLU A CA  1 
ATOM   188 C C   . GLU A 1 30 ? 2.267   -7.050  8.750   1.00 36.12 ? 29  GLU A C   1 
ATOM   189 O O   . GLU A 1 30 ? 2.875   -6.499  7.843   1.00 33.84 ? 29  GLU A O   1 
ATOM   190 C CB  . GLU A 1 30 ? 3.179   -9.096  9.876   1.00 40.14 ? 29  GLU A CB  1 
ATOM   191 C CG  . GLU A 1 30 ? 4.259   -9.538  8.890   1.00 41.86 ? 29  GLU A CG  1 
ATOM   192 N N   . ALA A 1 31 ? 0.945   -7.208  8.749   1.00 36.35 ? 30  ALA A N   1 
ATOM   193 C CA  . ALA A 1 31 ? 0.107   -6.724  7.654   1.00 33.52 ? 30  ALA A CA  1 
ATOM   194 C C   . ALA A 1 31 ? 0.346   -5.246  7.377   1.00 34.54 ? 30  ALA A C   1 
ATOM   195 O O   . ALA A 1 31 ? 0.550   -4.842  6.230   1.00 33.28 ? 30  ALA A O   1 
ATOM   196 C CB  . ALA A 1 31 ? -1.365  -6.967  7.965   1.00 35.39 ? 30  ALA A CB  1 
ATOM   197 N N   . LEU A 1 32 ? 0.326   -4.447  8.436   1.00 30.91 ? 31  LEU A N   1 
ATOM   198 C CA  . LEU A 1 32 ? 0.479   -3.015  8.303   1.00 30.18 ? 31  LEU A CA  1 
ATOM   199 C C   . LEU A 1 32 ? 1.780   -2.641  7.605   1.00 29.77 ? 31  LEU A C   1 
ATOM   200 O O   . LEU A 1 32 ? 1.795   -1.773  6.743   1.00 33.98 ? 31  LEU A O   1 
ATOM   201 C CB  . LEU A 1 32 ? 0.410   -2.357  9.675   1.00 34.08 ? 31  LEU A CB  1 
ATOM   202 C CG  . LEU A 1 32 ? 0.900   -0.912  9.720   1.00 28.73 ? 31  LEU A CG  1 
ATOM   203 C CD1 . LEU A 1 32 ? 0.007   0.000   8.870   1.00 29.99 ? 31  LEU A CD1 1 
ATOM   204 C CD2 . LEU A 1 32 ? 0.977   -0.444  11.156  1.00 26.25 ? 31  LEU A CD2 1 
ATOM   205 N N   . GLN A 1 33 ? 2.870   -3.298  7.972   1.00 28.90 ? 32  GLN A N   1 
ATOM   206 C CA  . GLN A 1 33 ? 4.157   -3.009  7.354   1.00 34.48 ? 32  GLN A CA  1 
ATOM   207 C C   . GLN A 1 33 ? 4.137   -3.403  5.871   1.00 32.49 ? 32  GLN A C   1 
ATOM   208 O O   . GLN A 1 33 ? 4.605   -2.658  5.014   1.00 31.49 ? 32  GLN A O   1 
ATOM   209 C CB  . GLN A 1 33 ? 5.293   -3.725  8.101   1.00 30.25 ? 32  GLN A CB  1 
ATOM   210 N N   . LEU A 1 34 ? 3.567   -4.562  5.574   1.00 32.31 ? 33  LEU A N   1 
ATOM   211 C CA  . LEU A 1 34 ? 3.432   -5.016  4.199   1.00 32.74 ? 33  LEU A CA  1 
ATOM   212 C C   . LEU A 1 34 ? 2.579   -4.068  3.344   1.00 35.88 ? 33  LEU A C   1 
ATOM   213 O O   . LEU A 1 34 ? 2.937   -3.778  2.198   1.00 35.90 ? 33  LEU A O   1 
ATOM   214 C CB  . LEU A 1 34 ? 2.848   -6.416  4.177   1.00 30.64 ? 33  LEU A CB  1 
ATOM   215 C CG  . LEU A 1 34 ? 3.770   -7.465  4.794   1.00 31.40 ? 33  LEU A CG  1 
ATOM   216 C CD1 . LEU A 1 34 ? 3.056   -8.792  4.974   1.00 31.31 ? 33  LEU A CD1 1 
ATOM   217 C CD2 . LEU A 1 34 ? 4.989   -7.642  3.929   1.00 24.22 ? 33  LEU A CD2 1 
ATOM   218 N N   . TYR A 1 35 ? 1.472   -3.572  3.894   1.00 30.11 ? 34  TYR A N   1 
ATOM   219 C CA  . TYR A 1 35 ? 0.634   -2.631  3.156   1.00 29.60 ? 34  TYR A CA  1 
ATOM   220 C C   . TYR A 1 35 ? 1.421   -1.380  2.853   1.00 32.39 ? 34  TYR A C   1 
ATOM   221 O O   . TYR A 1 35 ? 1.395   -0.888  1.725   1.00 32.63 ? 34  TYR A O   1 
ATOM   222 C CB  . TYR A 1 35 ? -0.631  -2.253  3.929   1.00 34.09 ? 34  TYR A CB  1 
ATOM   223 C CG  . TYR A 1 35 ? -1.745  -3.276  3.880   1.00 34.25 ? 34  TYR A CG  1 
ATOM   224 C CD1 . TYR A 1 35 ? -2.297  -3.676  2.669   1.00 33.81 ? 34  TYR A CD1 1 
ATOM   225 C CD2 . TYR A 1 35 ? -2.258  -3.826  5.049   1.00 32.16 ? 34  TYR A CD2 1 
ATOM   226 C CE1 . TYR A 1 35 ? -3.316  -4.605  2.620   1.00 32.65 ? 34  TYR A CE1 1 
ATOM   227 C CE2 . TYR A 1 35 ? -3.278  -4.758  5.012   1.00 39.07 ? 34  TYR A CE2 1 
ATOM   228 C CZ  . TYR A 1 35 ? -3.808  -5.145  3.796   1.00 38.16 ? 34  TYR A CZ  1 
ATOM   229 O OH  . TYR A 1 35 ? -4.834  -6.067  3.761   1.00 33.68 ? 34  TYR A OH  1 
ATOM   230 N N   . GLN A 1 36 ? 2.126   -0.883  3.867   1.00 31.16 ? 35  GLN A N   1 
ATOM   231 C CA  . GLN A 1 36 ? 2.853   0.380   3.772   1.00 35.16 ? 35  GLN A CA  1 
ATOM   232 C C   . GLN A 1 36 ? 3.922   0.334   2.684   1.00 35.43 ? 35  GLN A C   1 
ATOM   233 O O   . GLN A 1 36 ? 4.095   1.286   1.912   1.00 34.97 ? 35  GLN A O   1 
ATOM   234 C CB  . GLN A 1 36 ? 3.496   0.736   5.115   1.00 31.82 ? 35  GLN A CB  1 
ATOM   235 C CG  . GLN A 1 36 ? 4.436   1.937   5.037   1.00 43.18 ? 35  GLN A CG  1 
ATOM   236 C CD  . GLN A 1 36 ? 5.179   2.202   6.342   1.00 54.06 ? 35  GLN A CD  1 
ATOM   237 O OE1 . GLN A 1 36 ? 4.567   2.324   7.409   1.00 58.36 ? 35  GLN A OE1 1 
ATOM   238 N NE2 . GLN A 1 36 ? 6.507   2.279   6.262   1.00 42.39 ? 35  GLN A NE2 1 
ATOM   239 N N   . HIS A 1 37 ? 4.631   -0.784  2.625   1.00 32.32 ? 36  HIS A N   1 
ATOM   240 C CA  . HIS A 1 37 ? 5.714   -0.948  1.673   1.00 33.20 ? 36  HIS A CA  1 
ATOM   241 C C   . HIS A 1 37 ? 5.183   -1.183  0.274   1.00 32.09 ? 36  HIS A C   1 
ATOM   242 O O   . HIS A 1 37 ? 5.801   -0.771  -0.710  1.00 31.40 ? 36  HIS A O   1 
ATOM   243 C CB  . HIS A 1 37 ? 6.627   -2.087  2.111   1.00 30.49 ? 36  HIS A CB  1 
ATOM   244 C CG  . HIS A 1 37 ? 7.526   -1.713  3.246   1.00 32.91 ? 36  HIS A CG  1 
ATOM   245 N ND1 . HIS A 1 37 ? 7.950   -2.613  4.194   1.00 37.33 ? 36  HIS A ND1 1 
ATOM   246 C CD2 . HIS A 1 37 ? 8.073   -0.521  3.581   1.00 35.05 ? 36  HIS A CD2 1 
ATOM   247 C CE1 . HIS A 1 37 ? 8.725   -1.994  5.068   1.00 42.53 ? 36  HIS A CE1 1 
ATOM   248 N NE2 . HIS A 1 37 ? 8.817   -0.725  4.718   1.00 38.33 ? 36  HIS A NE2 1 
ATOM   249 N N   . ALA A 1 38 ? 4.024   -1.831  0.199   1.00 31.09 ? 37  ALA A N   1 
ATOM   250 C CA  . ALA A 1 38 ? 3.332   -1.979  -1.065  1.00 31.46 ? 37  ALA A CA  1 
ATOM   251 C C   . ALA A 1 38 ? 2.998   -0.594  -1.601  1.00 29.64 ? 37  ALA A C   1 
ATOM   252 O O   . ALA A 1 38 ? 3.268   -0.290  -2.761  1.00 31.06 ? 37  ALA A O   1 
ATOM   253 C CB  . ALA A 1 38 ? 2.063   -2.831  -0.907  1.00 28.58 ? 37  ALA A CB  1 
ATOM   254 N N   . VAL A 1 39 ? 2.430   0.255   -0.751  1.00 28.55 ? 38  VAL A N   1 
ATOM   255 C CA  . VAL A 1 39 ? 2.039   1.593   -1.182  1.00 29.57 ? 38  VAL A CA  1 
ATOM   256 C C   . VAL A 1 39 ? 3.266   2.375   -1.640  1.00 31.07 ? 38  VAL A C   1 
ATOM   257 O O   . VAL A 1 39 ? 3.215   3.103   -2.638  1.00 29.98 ? 38  VAL A O   1 
ATOM   258 C CB  . VAL A 1 39 ? 1.293   2.341   -0.065  1.00 31.70 ? 38  VAL A CB  1 
ATOM   259 C CG1 . VAL A 1 39 ? 1.196   3.827   -0.365  1.00 26.03 ? 38  VAL A CG1 1 
ATOM   260 C CG2 . VAL A 1 39 ? -0.101  1.720   0.121   1.00 28.79 ? 38  VAL A CG2 1 
ATOM   261 N N   . GLN A 1 40 ? 4.378   2.174   -0.938  1.00 28.58 ? 39  GLN A N   1 
ATOM   262 C CA  . GLN A 1 40 ? 5.631   2.833   -1.273  1.00 29.59 ? 39  GLN A CA  1 
ATOM   263 C C   . GLN A 1 40 ? 6.081   2.486   -2.683  1.00 30.23 ? 39  GLN A C   1 
ATOM   264 O O   . GLN A 1 40 ? 6.620   3.329   -3.401  1.00 29.56 ? 39  GLN A O   1 
ATOM   265 C CB  . GLN A 1 40 ? 6.718   2.443   -0.280  1.00 33.08 ? 39  GLN A CB  1 
ATOM   266 C CG  . GLN A 1 40 ? 8.055   3.098   -0.545  1.00 31.21 ? 39  GLN A CG  1 
ATOM   267 C CD  . GLN A 1 40 ? 9.184   2.424   0.210   1.00 40.24 ? 39  GLN A CD  1 
ATOM   268 O OE1 . GLN A 1 40 ? 9.164   1.215   0.438   1.00 34.15 ? 39  GLN A OE1 1 
ATOM   269 N NE2 . GLN A 1 40 ? 10.173  3.210   0.612   1.00 51.63 ? 39  GLN A NE2 1 
ATOM   270 N N   . TYR A 1 41 ? 5.867   1.237   -3.078  1.00 30.13 ? 40  TYR A N   1 
ATOM   271 C CA  . TYR A 1 41 ? 6.267   0.811   -4.409  1.00 25.02 ? 40  TYR A CA  1 
ATOM   272 C C   . TYR A 1 41 ? 5.274   1.233   -5.476  1.00 28.10 ? 40  TYR A C   1 
ATOM   273 O O   . TYR A 1 41 ? 5.680   1.570   -6.585  1.00 25.31 ? 40  TYR A O   1 
ATOM   274 C CB  . TYR A 1 41 ? 6.487   -0.694  -4.437  1.00 27.80 ? 40  TYR A CB  1 
ATOM   275 C CG  . TYR A 1 41 ? 7.882   -0.992  -4.009  1.00 30.59 ? 40  TYR A CG  1 
ATOM   276 C CD1 . TYR A 1 41 ? 8.921   -0.998  -4.933  1.00 31.42 ? 40  TYR A CD1 1 
ATOM   277 C CD2 . TYR A 1 41 ? 8.187   -1.177  -2.672  1.00 32.47 ? 40  TYR A CD2 1 
ATOM   278 C CE1 . TYR A 1 41 ? 10.226  -1.231  -4.537  1.00 32.21 ? 40  TYR A CE1 1 
ATOM   279 C CE2 . TYR A 1 41 ? 9.491   -1.404  -2.263  1.00 37.36 ? 40  TYR A CE2 1 
ATOM   280 C CZ  . TYR A 1 41 ? 10.504  -1.432  -3.201  1.00 33.66 ? 40  TYR A CZ  1 
ATOM   281 O OH  . TYR A 1 41 ? 11.791  -1.659  -2.794  1.00 31.91 ? 40  TYR A OH  1 
ATOM   282 N N   . PHE A 1 42 ? 3.987   1.243   -5.129  1.00 23.69 ? 41  PHE A N   1 
ATOM   283 C CA  . PHE A 1 42 ? 2.958   1.642   -6.067  1.00 23.28 ? 41  PHE A CA  1 
ATOM   284 C C   . PHE A 1 42 ? 3.114   3.111   -6.422  1.00 27.88 ? 41  PHE A C   1 
ATOM   285 O O   . PHE A 1 42 ? 2.981   3.487   -7.587  1.00 30.06 ? 41  PHE A O   1 
ATOM   286 C CB  . PHE A 1 42 ? 1.566   1.380   -5.495  1.00 28.07 ? 41  PHE A CB  1 
ATOM   287 C CG  . PHE A 1 42 ? 1.070   -0.032  -5.691  1.00 26.67 ? 41  PHE A CG  1 
ATOM   288 C CD1 . PHE A 1 42 ? 0.961   -0.577  -6.963  1.00 22.42 ? 41  PHE A CD1 1 
ATOM   289 C CD2 . PHE A 1 42 ? 0.664   -0.799  -4.598  1.00 29.24 ? 41  PHE A CD2 1 
ATOM   290 C CE1 . PHE A 1 42 ? 0.485   -1.872  -7.146  1.00 24.95 ? 41  PHE A CE1 1 
ATOM   291 C CE2 . PHE A 1 42 ? 0.181   -2.095  -4.775  1.00 28.62 ? 41  PHE A CE2 1 
ATOM   292 C CZ  . PHE A 1 42 ? 0.099   -2.628  -6.052  1.00 26.49 ? 41  PHE A CZ  1 
ATOM   293 N N   . LEU A 1 43 ? 3.406   3.934   -5.416  1.00 29.00 ? 42  LEU A N   1 
ATOM   294 C CA  . LEU A 1 43 ? 3.639   5.361   -5.633  1.00 27.42 ? 42  LEU A CA  1 
ATOM   295 C C   . LEU A 1 43 ? 4.856   5.595   -6.511  1.00 27.92 ? 42  LEU A C   1 
ATOM   296 O O   . LEU A 1 43 ? 4.822   6.413   -7.436  1.00 25.56 ? 42  LEU A O   1 
ATOM   297 C CB  . LEU A 1 43 ? 3.812   6.103   -4.305  1.00 21.32 ? 42  LEU A CB  1 
ATOM   298 C CG  . LEU A 1 43 ? 2.499   6.344   -3.552  1.00 32.50 ? 42  LEU A CG  1 
ATOM   299 C CD1 . LEU A 1 43 ? 2.785   7.097   -2.275  1.00 38.22 ? 42  LEU A CD1 1 
ATOM   300 C CD2 . LEU A 1 43 ? 1.451   7.093   -4.387  1.00 25.45 ? 42  LEU A CD2 1 
ATOM   301 N N   . HIS A 1 44 ? 5.930   4.870   -6.223  1.00 27.86 ? 43  HIS A N   1 
ATOM   302 C CA  . HIS A 1 44 ? 7.148   5.031   -7.002  1.00 29.82 ? 43  HIS A CA  1 
ATOM   303 C C   . HIS A 1 44 ? 6.920   4.712   -8.481  1.00 31.36 ? 43  HIS A C   1 
ATOM   304 O O   . HIS A 1 44 ? 7.324   5.465   -9.370  1.00 29.14 ? 43  HIS A O   1 
ATOM   305 C CB  . HIS A 1 44 ? 8.257   4.147   -6.471  1.00 27.30 ? 43  HIS A CB  1 
ATOM   306 C CG  . HIS A 1 44 ? 9.548   4.364   -7.178  1.00 31.00 ? 43  HIS A CG  1 
ATOM   307 N ND1 . HIS A 1 44 ? 10.388  5.415   -6.883  1.00 33.97 ? 43  HIS A ND1 1 
ATOM   308 C CD2 . HIS A 1 44 ? 10.118  3.701   -8.213  1.00 31.90 ? 43  HIS A CD2 1 
ATOM   309 C CE1 . HIS A 1 44 ? 11.432  5.378   -7.688  1.00 33.70 ? 43  HIS A CE1 1 
ATOM   310 N NE2 . HIS A 1 44 ? 11.296  4.344   -8.503  1.00 32.30 ? 43  HIS A NE2 1 
ATOM   311 N N   . VAL A 1 45 ? 6.259   3.589   -8.721  1.00 25.67 ? 44  VAL A N   1 
ATOM   312 C CA  . VAL A 1 45 ? 5.961   3.151   -10.061 1.00 28.06 ? 44  VAL A CA  1 
ATOM   313 C C   . VAL A 1 45 ? 5.118   4.185   -10.778 1.00 34.13 ? 44  VAL A C   1 
ATOM   314 O O   . VAL A 1 45 ? 5.446   4.591   -11.901 1.00 30.75 ? 44  VAL A O   1 
ATOM   315 C CB  . VAL A 1 45 ? 5.218   1.798   -10.056 1.00 33.06 ? 44  VAL A CB  1 
ATOM   316 C CG1 . VAL A 1 45 ? 4.577   1.514   -11.418 1.00 27.95 ? 44  VAL A CG1 1 
ATOM   317 C CG2 . VAL A 1 45 ? 6.152   0.673   -9.627  1.00 29.99 ? 44  VAL A CG2 1 
ATOM   318 N N   . VAL A 1 46 ? 4.040   4.631   -10.131 1.00 30.81 ? 45  VAL A N   1 
ATOM   319 C CA  . VAL A 1 46 ? 3.088   5.476   -10.839 1.00 31.74 ? 45  VAL A CA  1 
ATOM   320 C C   . VAL A 1 46 ? 3.697   6.841   -11.165 1.00 29.93 ? 45  VAL A C   1 
ATOM   321 O O   . VAL A 1 46 ? 3.365   7.427   -12.189 1.00 30.97 ? 45  VAL A O   1 
ATOM   322 C CB  . VAL A 1 46 ? 1.758   5.650   -10.061 1.00 32.39 ? 45  VAL A CB  1 
ATOM   323 C CG1 . VAL A 1 46 ? 1.838   6.775   -9.010  1.00 25.96 ? 45  VAL A CG1 1 
ATOM   324 C CG2 . VAL A 1 46 ? 0.617   5.909   -11.054 1.00 31.69 ? 45  VAL A CG2 1 
ATOM   325 N N   . LYS A 1 47 ? 4.612   7.319   -10.322 1.00 27.03 ? 46  LYS A N   1 
ATOM   326 C CA  . LYS A 1 47 ? 5.229   8.616   -10.536 1.00 26.52 ? 46  LYS A CA  1 
ATOM   327 C C   . LYS A 1 47 ? 6.380   8.551   -11.529 1.00 32.47 ? 46  LYS A C   1 
ATOM   328 O O   . LYS A 1 47 ? 6.474   9.379   -12.425 1.00 29.03 ? 46  LYS A O   1 
ATOM   329 C CB  . LYS A 1 47 ? 5.716   9.201   -9.212  1.00 27.81 ? 46  LYS A CB  1 
ATOM   330 C CG  . LYS A 1 47 ? 4.571   9.503   -8.268  1.00 28.71 ? 46  LYS A CG  1 
ATOM   331 C CD  . LYS A 1 47 ? 4.963   10.406  -7.124  1.00 30.87 ? 46  LYS A CD  1 
ATOM   332 C CE  . LYS A 1 47 ? 5.875   9.731   -6.134  1.00 37.53 ? 46  LYS A CE  1 
ATOM   333 N NZ  . LYS A 1 47 ? 5.815   10.477  -4.844  1.00 43.35 ? 46  LYS A NZ  1 
ATOM   334 N N   . TYR A 1 48 ? 7.255   7.561   -11.392 1.00 34.52 ? 47  TYR A N   1 
ATOM   335 C CA  . TYR A 1 48 ? 8.512   7.617   -12.134 1.00 35.58 ? 47  TYR A CA  1 
ATOM   336 C C   . TYR A 1 48 ? 8.674   6.532   -13.201 1.00 33.24 ? 47  TYR A C   1 
ATOM   337 O O   . TYR A 1 48 ? 9.637   6.532   -13.962 1.00 29.85 ? 47  TYR A O   1 
ATOM   338 C CB  . TYR A 1 48 ? 9.665   7.592   -11.137 1.00 28.89 ? 47  TYR A CB  1 
ATOM   339 C CG  . TYR A 1 48 ? 9.586   8.778   -10.205 1.00 35.05 ? 47  TYR A CG  1 
ATOM   340 C CD1 . TYR A 1 48 ? 9.421   10.067  -10.711 1.00 31.36 ? 47  TYR A CD1 1 
ATOM   341 C CD2 . TYR A 1 48 ? 9.629   8.616   -8.820  1.00 36.50 ? 47  TYR A CD2 1 
ATOM   342 C CE1 . TYR A 1 48 ? 9.343   11.169  -9.866  1.00 30.33 ? 47  TYR A CE1 1 
ATOM   343 C CE2 . TYR A 1 48 ? 9.548   9.712   -7.966  1.00 33.72 ? 47  TYR A CE2 1 
ATOM   344 C CZ  . TYR A 1 48 ? 9.405   10.989  -8.498  1.00 36.15 ? 47  TYR A CZ  1 
ATOM   345 O OH  . TYR A 1 48 ? 9.314   12.081  -7.661  1.00 35.85 ? 47  TYR A OH  1 
ATOM   346 N N   . GLU A 1 49 ? 7.719   5.626   -13.287 1.00 30.93 ? 48  GLU A N   1 
ATOM   347 C CA  . GLU A 1 49 ? 7.733   4.698   -14.402 1.00 32.75 ? 48  GLU A CA  1 
ATOM   348 C C   . GLU A 1 49 ? 6.581   5.031   -15.348 1.00 33.72 ? 48  GLU A C   1 
ATOM   349 O O   . GLU A 1 49 ? 5.535   5.550   -14.944 1.00 38.60 ? 48  GLU A O   1 
ATOM   350 C CB  . GLU A 1 49 ? 7.679   3.246   -13.908 1.00 26.57 ? 48  GLU A CB  1 
ATOM   351 C CG  . GLU A 1 49 ? 8.796   2.925   -12.922 1.00 27.58 ? 48  GLU A CG  1 
ATOM   352 C CD  . GLU A 1 49 ? 8.950   1.434   -12.642 1.00 36.88 ? 48  GLU A CD  1 
ATOM   353 O OE1 . GLU A 1 49 ? 8.091   0.658   -13.107 1.00 41.31 ? 48  GLU A OE1 1 
ATOM   354 O OE2 . GLU A 1 49 ? 9.933   1.032   -11.966 1.00 33.84 ? 48  GLU A OE2 1 
ATOM   355 N N   . ALA A 1 50 ? 6.808   4.762   -16.624 1.00 37.35 ? 49  ALA A N   1 
ATOM   356 C CA  . ALA A 1 50 ? 5.859   5.091   -17.675 1.00 43.41 ? 49  ALA A CA  1 
ATOM   357 C C   . ALA A 1 50 ? 4.710   4.084   -17.795 1.00 40.20 ? 49  ALA A C   1 
ATOM   358 O O   . ALA A 1 50 ? 4.938   2.879   -17.943 1.00 45.82 ? 49  ALA A O   1 
ATOM   359 C CB  . ALA A 1 50 ? 6.598   5.199   -19.004 1.00 41.85 ? 49  ALA A CB  1 
ATOM   360 N N   . GLN A 1 51 ? 3.479   4.579   -17.746 1.00 41.23 ? 50  GLN A N   1 
ATOM   361 C CA  . GLN A 1 51 ? 2.323   3.725   -18.029 1.00 41.32 ? 50  GLN A CA  1 
ATOM   362 C C   . GLN A 1 51 ? 1.139   4.517   -18.567 1.00 38.36 ? 50  GLN A C   1 
ATOM   363 O O   . GLN A 1 51 ? 1.050   5.739   -18.394 1.00 41.48 ? 50  GLN A O   1 
ATOM   364 C CB  . GLN A 1 51 ? 1.894   2.953   -16.781 1.00 41.81 ? 50  GLN A CB  1 
ATOM   365 C CG  . GLN A 1 51 ? 1.387   3.834   -15.645 1.00 41.83 ? 50  GLN A CG  1 
ATOM   366 C CD  . GLN A 1 51 ? 2.512   4.446   -14.834 1.00 40.43 ? 50  GLN A CD  1 
ATOM   367 O OE1 . GLN A 1 51 ? 3.317   3.724   -14.243 1.00 38.04 ? 50  GLN A OE1 1 
ATOM   368 N NE2 . GLN A 1 51 ? 2.590   5.783   -14.817 1.00 45.54 ? 50  GLN A NE2 1 
ATOM   369 N N   . GLY A 1 52 ? 0.222   3.806   -19.212 1.00 34.99 ? 51  GLY A N   1 
ATOM   370 C CA  . GLY A 1 52 ? -0.979  4.430   -19.723 1.00 35.93 ? 51  GLY A CA  1 
ATOM   371 C C   . GLY A 1 52 ? -1.913  4.918   -18.627 1.00 44.39 ? 51  GLY A C   1 
ATOM   372 O O   . GLY A 1 52 ? -1.763  4.574   -17.443 1.00 37.95 ? 51  GLY A O   1 
ATOM   373 N N   . ASP A 1 53 ? -2.890  5.723   -19.038 1.00 47.10 ? 52  ASP A N   1 
ATOM   374 C CA  . ASP A 1 53 ? -3.924  6.230   -18.145 1.00 45.90 ? 52  ASP A CA  1 
ATOM   375 C C   . ASP A 1 53 ? -4.581  5.117   -17.343 1.00 41.77 ? 52  ASP A C   1 
ATOM   376 O O   . ASP A 1 53 ? -4.736  5.223   -16.121 1.00 41.22 ? 52  ASP A O   1 
ATOM   377 C CB  . ASP A 1 53 ? -4.994  6.980   -18.941 1.00 50.64 ? 52  ASP A CB  1 
ATOM   378 C CG  . ASP A 1 53 ? -4.539  8.362   -19.376 1.00 63.91 ? 52  ASP A CG  1 
ATOM   379 O OD1 . ASP A 1 53 ? -4.807  8.754   -20.536 1.00 74.77 ? 52  ASP A OD1 1 
ATOM   380 O OD2 . ASP A 1 53 ? -3.919  9.063   -18.551 1.00 68.37 ? 52  ASP A OD2 1 
ATOM   381 N N   . LYS A 1 54 ? -4.971  4.055   -18.036 1.00 37.41 ? 53  LYS A N   1 
ATOM   382 C CA  . LYS A 1 54 ? -5.673  2.962   -17.388 1.00 40.72 ? 53  LYS A CA  1 
ATOM   383 C C   . LYS A 1 54 ? -4.793  2.338   -16.306 1.00 40.99 ? 53  LYS A C   1 
ATOM   384 O O   . LYS A 1 54 ? -5.269  2.004   -15.220 1.00 38.49 ? 53  LYS A O   1 
ATOM   385 C CB  . LYS A 1 54 ? -6.102  1.912   -18.418 1.00 42.19 ? 53  LYS A CB  1 
ATOM   386 N NZ  . LYS A 1 54 ? -12.552 0.841   -20.734 1.00 36.60 ? 53  LYS A NZ  1 
ATOM   387 N N   . ALA A 1 55 ? -3.503  2.203   -16.595 1.00 39.65 ? 54  ALA A N   1 
ATOM   388 C CA  . ALA A 1 55 ? -2.575  1.677   -15.608 1.00 37.81 ? 54  ALA A CA  1 
ATOM   389 C C   . ALA A 1 55 ? -2.491  2.595   -14.374 1.00 35.57 ? 54  ALA A C   1 
ATOM   390 O O   . ALA A 1 55 ? -2.581  2.124   -13.241 1.00 35.07 ? 54  ALA A O   1 
ATOM   391 C CB  . ALA A 1 55 ? -1.220  1.487   -16.229 1.00 37.83 ? 54  ALA A CB  1 
ATOM   392 N N   . LYS A 1 56 ? -2.323  3.897   -14.601 1.00 32.16 ? 55  LYS A N   1 
ATOM   393 C CA  . LYS A 1 56 ? -2.256  4.862   -13.512 1.00 33.17 ? 55  LYS A CA  1 
ATOM   394 C C   . LYS A 1 56 ? -3.535  4.831   -12.658 1.00 34.98 ? 55  LYS A C   1 
ATOM   395 O O   . LYS A 1 56 ? -3.483  4.914   -11.428 1.00 30.42 ? 55  LYS A O   1 
ATOM   396 C CB  . LYS A 1 56 ? -2.032  6.271   -14.055 1.00 31.07 ? 55  LYS A CB  1 
ATOM   397 C CG  . LYS A 1 56 ? -0.677  6.528   -14.673 1.00 38.16 ? 55  LYS A CG  1 
ATOM   398 C CD  . LYS A 1 56 ? -0.614  7.945   -15.291 1.00 46.49 ? 55  LYS A CD  1 
ATOM   399 C CE  . LYS A 1 56 ? 0.767   8.280   -15.840 1.00 40.26 ? 55  LYS A CE  1 
ATOM   400 N N   . GLN A 1 57 ? -4.679  4.704   -13.322 1.00 31.76 ? 56  GLN A N   1 
ATOM   401 C CA  . GLN A 1 57 ? -5.964  4.698   -12.643 1.00 26.54 ? 56  GLN A CA  1 
ATOM   402 C C   . GLN A 1 57 ? -6.134  3.463   -11.736 1.00 31.44 ? 56  GLN A C   1 
ATOM   403 O O   . GLN A 1 57 ? -6.646  3.560   -10.624 1.00 34.39 ? 56  GLN A O   1 
ATOM   404 C CB  . GLN A 1 57 ? -7.087  4.778   -13.674 1.00 27.56 ? 56  GLN A CB  1 
ATOM   405 N N   . SER A 1 58 ? -5.700  2.301   -12.200 1.00 32.06 ? 57  SER A N   1 
ATOM   406 C CA  . SER A 1 58 ? -5.730  1.109   -11.358 1.00 32.61 ? 57  SER A CA  1 
ATOM   407 C C   . SER A 1 58 ? -4.735  1.203   -10.196 1.00 33.96 ? 57  SER A C   1 
ATOM   408 O O   . SER A 1 58 ? -5.023  0.722   -9.091  1.00 29.78 ? 57  SER A O   1 
ATOM   409 C CB  . SER A 1 58 ? -5.443  -0.153  -12.178 1.00 34.15 ? 57  SER A CB  1 
ATOM   410 O OG  . SER A 1 58 ? -6.342  -0.269  -13.262 1.00 43.82 ? 57  SER A OG  1 
ATOM   411 N N   . ILE A 1 59 ? -3.567  1.808   -10.431 1.00 31.36 ? 58  ILE A N   1 
ATOM   412 C CA  . ILE A 1 59 ? -2.584  1.912   -9.349  1.00 34.12 ? 58  ILE A CA  1 
ATOM   413 C C   . ILE A 1 59 ? -3.108  2.881   -8.274  1.00 31.03 ? 58  ILE A C   1 
ATOM   414 O O   . ILE A 1 59 ? -3.027  2.590   -7.072  1.00 26.63 ? 58  ILE A O   1 
ATOM   415 C CB  . ILE A 1 59 ? -1.186  2.339   -9.867  1.00 26.47 ? 58  ILE A CB  1 
ATOM   416 C CG1 . ILE A 1 59 ? -0.620  1.254   -10.780 1.00 24.95 ? 58  ILE A CG1 1 
ATOM   417 C CG2 . ILE A 1 59 ? -0.215  2.558   -8.712  1.00 23.37 ? 58  ILE A CG2 1 
ATOM   418 C CD1 . ILE A 1 59 ? 0.660   1.628   -11.482 1.00 28.45 ? 58  ILE A CD1 1 
ATOM   419 N N   . ARG A 1 60 ? -3.680  4.001   -8.717  1.00 28.15 ? 59  ARG A N   1 
ATOM   420 C CA  . ARG A 1 60 ? -4.304  4.957   -7.805  1.00 33.55 ? 59  ARG A CA  1 
ATOM   421 C C   . ARG A 1 60 ? -5.344  4.250   -6.926  1.00 33.71 ? 59  ARG A C   1 
ATOM   422 O O   . ARG A 1 60 ? -5.347  4.411   -5.699  1.00 31.19 ? 59  ARG A O   1 
ATOM   423 C CB  . ARG A 1 60 ? -4.945  6.117   -8.589  1.00 35.32 ? 59  ARG A CB  1 
ATOM   424 C CG  . ARG A 1 60 ? -5.581  7.203   -7.724  1.00 37.03 ? 59  ARG A CG  1 
ATOM   425 C CD  . ARG A 1 60 ? -6.015  8.433   -8.538  1.00 40.68 ? 59  ARG A CD  1 
ATOM   426 N NE  . ARG A 1 60 ? -4.934  9.413   -8.670  1.00 45.65 ? 59  ARG A NE  1 
ATOM   427 N N   . ALA A 1 61 ? -6.197  3.448   -7.565  1.00 32.22 ? 60  ALA A N   1 
ATOM   428 C CA  . ALA A 1 61 ? -7.239  2.686   -6.881  1.00 33.89 ? 60  ALA A CA  1 
ATOM   429 C C   . ALA A 1 61 ? -6.667  1.784   -5.786  1.00 34.40 ? 60  ALA A C   1 
ATOM   430 O O   . ALA A 1 61 ? -7.130  1.806   -4.644  1.00 34.44 ? 60  ALA A O   1 
ATOM   431 C CB  . ALA A 1 61 ? -8.040  1.851   -7.888  1.00 29.08 ? 60  ALA A CB  1 
ATOM   432 N N   . LYS A 1 62 ? -5.662  0.995   -6.139  1.00 31.37 ? 61  LYS A N   1 
ATOM   433 C CA  . LYS A 1 62 ? -5.061  0.065   -5.196  1.00 29.65 ? 61  LYS A CA  1 
ATOM   434 C C   . LYS A 1 62 ? -4.327  0.814   -4.084  1.00 31.60 ? 61  LYS A C   1 
ATOM   435 O O   . LYS A 1 62 ? -4.347  0.402   -2.917  1.00 29.92 ? 61  LYS A O   1 
ATOM   436 C CB  . LYS A 1 62 ? -4.129  -0.901  -5.938  1.00 28.70 ? 61  LYS A CB  1 
ATOM   437 C CG  . LYS A 1 62 ? -4.640  -2.300  -5.917  1.00 34.20 ? 61  LYS A CG  1 
ATOM   438 C CD  . LYS A 1 62 ? -4.770  -2.916  -7.279  1.00 31.88 ? 61  LYS A CD  1 
ATOM   439 C CE  . LYS A 1 62 ? -5.481  -4.256  -7.124  1.00 31.60 ? 61  LYS A CE  1 
ATOM   440 N NZ  . LYS A 1 62 ? -5.263  -5.148  -8.291  1.00 39.49 ? 61  LYS A NZ  1 
ATOM   441 N N   . CYS A 1 63 ? -3.695  1.929   -4.445  1.00 32.58 ? 62  CYS A N   1 
ATOM   442 C CA  . CYS A 1 63 ? -3.042  2.788   -3.460  1.00 31.31 ? 62  CYS A CA  1 
ATOM   443 C C   . CYS A 1 63 ? -4.017  3.266   -2.398  1.00 33.82 ? 62  CYS A C   1 
ATOM   444 O O   . CYS A 1 63 ? -3.719  3.244   -1.209  1.00 37.94 ? 62  CYS A O   1 
ATOM   445 C CB  . CYS A 1 63 ? -2.407  3.992   -4.136  1.00 29.06 ? 62  CYS A CB  1 
ATOM   446 S SG  . CYS A 1 63 ? -0.684  3.772   -4.403  1.00 38.16 ? 62  CYS A SG  1 
ATOM   447 N N   . THR A 1 64 ? -5.183  3.707   -2.846  1.00 33.02 ? 63  THR A N   1 
ATOM   448 C CA  . THR A 1 64 ? -6.227  4.165   -1.958  1.00 31.19 ? 63  THR A CA  1 
ATOM   449 C C   . THR A 1 64 ? -6.696  3.068   -1.009  1.00 31.80 ? 63  THR A C   1 
ATOM   450 O O   . THR A 1 64 ? -6.867  3.307   0.184   1.00 29.89 ? 63  THR A O   1 
ATOM   451 C CB  . THR A 1 64 ? -7.409  4.668   -2.758  1.00 33.54 ? 63  THR A CB  1 
ATOM   452 O OG1 . THR A 1 64 ? -6.947  5.629   -3.715  1.00 34.35 ? 63  THR A OG1 1 
ATOM   453 C CG2 . THR A 1 64 ? -8.448  5.295   -1.841  1.00 30.33 ? 63  THR A CG2 1 
ATOM   454 N N   . GLU A 1 65 ? -6.899  1.868   -1.538  1.00 28.01 ? 64  GLU A N   1 
ATOM   455 C CA  . GLU A 1 65 ? -7.422  0.776   -0.726  1.00 31.69 ? 64  GLU A CA  1 
ATOM   456 C C   . GLU A 1 65 ? -6.434  0.373   0.365   1.00 33.20 ? 64  GLU A C   1 
ATOM   457 O O   . GLU A 1 65 ? -6.814  0.190   1.532   1.00 29.25 ? 64  GLU A O   1 
ATOM   458 C CB  . GLU A 1 65 ? -7.756  -0.443  -1.588  1.00 26.77 ? 64  GLU A CB  1 
ATOM   459 C CG  . GLU A 1 65 ? -8.656  -1.427  -0.877  1.00 32.09 ? 64  GLU A CG  1 
ATOM   460 C CD  . GLU A 1 65 ? -8.642  -2.807  -1.500  1.00 41.45 ? 64  GLU A CD  1 
ATOM   461 O OE1 . GLU A 1 65 ? -8.152  -2.949  -2.645  1.00 41.42 ? 64  GLU A OE1 1 
ATOM   462 O OE2 . GLU A 1 65 ? -9.118  -3.760  -0.837  1.00 46.21 ? 64  GLU A OE2 1 
ATOM   463 N N   . TYR A 1 66 ? -5.163  0.264   -0.020  1.00 33.57 ? 65  TYR A N   1 
ATOM   464 C CA  . TYR A 1 66 ? -4.122  -0.198  0.888   1.00 27.80 ? 65  TYR A CA  1 
ATOM   465 C C   . TYR A 1 66 ? -3.757  0.836   1.945   1.00 29.97 ? 65  TYR A C   1 
ATOM   466 O O   . TYR A 1 66 ? -3.470  0.474   3.075   1.00 32.65 ? 65  TYR A O   1 
ATOM   467 C CB  . TYR A 1 66 ? -2.892  -0.620  0.093   1.00 29.47 ? 65  TYR A CB  1 
ATOM   468 C CG  . TYR A 1 66 ? -3.195  -1.760  -0.850  1.00 29.06 ? 65  TYR A CG  1 
ATOM   469 C CD1 . TYR A 1 66 ? -4.155  -2.719  -0.518  1.00 31.30 ? 65  TYR A CD1 1 
ATOM   470 C CD2 . TYR A 1 66 ? -2.554  -1.870  -2.075  1.00 27.94 ? 65  TYR A CD2 1 
ATOM   471 C CE1 . TYR A 1 66 ? -4.461  -3.759  -1.374  1.00 27.15 ? 65  TYR A CE1 1 
ATOM   472 C CE2 . TYR A 1 66 ? -2.852  -2.914  -2.946  1.00 32.08 ? 65  TYR A CE2 1 
ATOM   473 C CZ  . TYR A 1 66 ? -3.803  -3.853  -2.585  1.00 30.65 ? 65  TYR A CZ  1 
ATOM   474 O OH  . TYR A 1 66 ? -4.098  -4.880  -3.434  1.00 27.23 ? 65  TYR A OH  1 
ATOM   475 N N   . LEU A 1 67 ? -3.794  2.118   1.604   1.00 30.39 ? 66  LEU A N   1 
ATOM   476 C CA  . LEU A 1 67 ? -3.565  3.135   2.618   1.00 32.41 ? 66  LEU A CA  1 
ATOM   477 C C   . LEU A 1 67 ? -4.760  3.208   3.571   1.00 37.12 ? 66  LEU A C   1 
ATOM   478 O O   . LEU A 1 67 ? -4.567  3.439   4.761   1.00 36.11 ? 66  LEU A O   1 
ATOM   479 C CB  . LEU A 1 67 ? -3.295  4.499   1.988   1.00 31.86 ? 66  LEU A CB  1 
ATOM   480 C CG  . LEU A 1 67 ? -1.847  4.789   1.591   1.00 38.57 ? 66  LEU A CG  1 
ATOM   481 C CD1 . LEU A 1 67 ? -1.751  6.113   0.837   1.00 34.97 ? 66  LEU A CD1 1 
ATOM   482 C CD2 . LEU A 1 67 ? -0.950  4.815   2.807   1.00 32.08 ? 66  LEU A CD2 1 
ATOM   483 N N   . ASP A 1 68 ? -5.979  3.008   3.051   1.00 34.01 ? 67  ASP A N   1 
ATOM   484 C CA  . ASP A 1 68 ? -7.196  2.986   3.875   1.00 30.86 ? 67  ASP A CA  1 
ATOM   485 C C   . ASP A 1 68 ? -7.057  1.942   4.955   1.00 35.71 ? 67  ASP A C   1 
ATOM   486 O O   . ASP A 1 68 ? -7.186  2.211   6.150   1.00 35.62 ? 67  ASP A O   1 
ATOM   487 C CB  . ASP A 1 68 ? -8.444  2.653   3.055   1.00 27.21 ? 67  ASP A CB  1 
ATOM   488 C CG  . ASP A 1 68 ? -9.011  3.840   2.328   1.00 32.34 ? 67  ASP A CG  1 
ATOM   489 O OD1 . ASP A 1 68 ? -8.403  4.920   2.360   1.00 36.36 ? 67  ASP A OD1 1 
ATOM   490 O OD2 . ASP A 1 68 ? -10.071 3.685   1.695   1.00 36.02 ? 67  ASP A OD2 1 
ATOM   491 N N   . ARG A 1 69 ? -6.796  0.729   4.503   1.00 31.84 ? 68  ARG A N   1 
ATOM   492 C CA  . ARG A 1 69 ? -6.744  -0.392  5.394   1.00 33.31 ? 68  ARG A CA  1 
ATOM   493 C C   . ARG A 1 69 ? -5.574  -0.194  6.344   1.00 36.04 ? 68  ARG A C   1 
ATOM   494 O O   . ARG A 1 69 ? -5.698  -0.438  7.538   1.00 35.01 ? 68  ARG A O   1 
ATOM   495 C CB  . ARG A 1 69 ? -6.614  -1.694  4.600   1.00 30.30 ? 68  ARG A CB  1 
ATOM   496 C CG  . ARG A 1 69 ? -6.558  -2.942  5.454   1.00 33.75 ? 68  ARG A CG  1 
ATOM   497 C CD  . ARG A 1 69 ? -7.881  -3.228  6.144   1.00 27.65 ? 68  ARG A CD  1 
ATOM   498 N NE  . ARG A 1 69 ? -7.762  -4.406  6.996   1.00 32.45 ? 68  ARG A NE  1 
ATOM   499 C CZ  . ARG A 1 69 ? -8.393  -4.571  8.156   1.00 36.35 ? 68  ARG A CZ  1 
ATOM   500 N NH1 . ARG A 1 69 ? -9.207  -3.634  8.627   1.00 30.77 ? 68  ARG A NH1 1 
ATOM   501 N NH2 . ARG A 1 69 ? -8.205  -5.684  8.850   1.00 35.36 ? 68  ARG A NH2 1 
ATOM   502 N N   . ALA A 1 70 ? -4.445  0.269   5.815   1.00 34.25 ? 69  ALA A N   1 
ATOM   503 C CA  . ALA A 1 70 ? -3.239  0.411   6.630   1.00 39.76 ? 69  ALA A CA  1 
ATOM   504 C C   . ALA A 1 70 ? -3.450  1.394   7.768   1.00 36.12 ? 69  ALA A C   1 
ATOM   505 O O   . ALA A 1 70 ? -3.011  1.159   8.893   1.00 37.09 ? 69  ALA A O   1 
ATOM   506 C CB  . ALA A 1 70 ? -2.052  0.847   5.778   1.00 40.48 ? 69  ALA A CB  1 
ATOM   507 N N   . GLU A 1 71 ? -4.126  2.493   7.467   1.00 32.89 ? 70  GLU A N   1 
ATOM   508 C CA  . GLU A 1 71 ? -4.395  3.504   8.466   1.00 38.66 ? 70  GLU A CA  1 
ATOM   509 C C   . GLU A 1 71 ? -5.331  2.931   9.531   1.00 37.71 ? 70  GLU A C   1 
ATOM   510 O O   . GLU A 1 71 ? -5.105  3.111   10.729  1.00 36.13 ? 70  GLU A O   1 
ATOM   511 C CB  . GLU A 1 71 ? -4.978  4.764   7.811   1.00 37.93 ? 70  GLU A CB  1 
ATOM   512 C CG  . GLU A 1 71 ? -3.921  5.639   7.103   1.00 45.98 ? 70  GLU A CG  1 
ATOM   513 C CD  . GLU A 1 71 ? -4.509  6.735   6.200   1.00 48.58 ? 70  GLU A CD  1 
ATOM   514 O OE1 . GLU A 1 71 ? -5.709  6.648   5.857   1.00 50.50 ? 70  GLU A OE1 1 
ATOM   515 O OE2 . GLU A 1 71 ? -3.769  7.681   5.829   1.00 48.14 ? 70  GLU A OE2 1 
ATOM   516 N N   . LYS A 1 72 ? -6.363  2.218   9.094   1.00 39.10 ? 71  LYS A N   1 
ATOM   517 C CA  . LYS A 1 72 ? -7.247  1.515   10.025  1.00 39.18 ? 71  LYS A CA  1 
ATOM   518 C C   . LYS A 1 72 ? -6.460  0.551   10.925  1.00 40.20 ? 71  LYS A C   1 
ATOM   519 O O   . LYS A 1 72 ? -6.802  0.391   12.097  1.00 42.96 ? 71  LYS A O   1 
ATOM   520 C CB  . LYS A 1 72 ? -8.345  0.740   9.272   1.00 41.08 ? 71  LYS A CB  1 
ATOM   521 C CG  . LYS A 1 72 ? -9.691  1.457   9.089   1.00 41.88 ? 71  LYS A CG  1 
ATOM   522 C CD  . LYS A 1 72 ? -10.683 0.528   8.363   1.00 55.98 ? 71  LYS A CD  1 
ATOM   523 C CE  . LYS A 1 72 ? -12.146 0.973   8.480   1.00 55.03 ? 71  LYS A CE  1 
ATOM   524 N NZ  . LYS A 1 72 ? -13.070 -0.206  8.387   1.00 55.24 ? 71  LYS A NZ  1 
ATOM   525 N N   . LEU A 1 73 ? -5.408  -0.083  10.397  1.00 37.60 ? 72  LEU A N   1 
ATOM   526 C CA  . LEU A 1 73 ? -4.616  -1.001  11.208  1.00 31.44 ? 72  LEU A CA  1 
ATOM   527 C C   . LEU A 1 73 ? -3.721  -0.234  12.176  1.00 35.04 ? 72  LEU A C   1 
ATOM   528 O O   . LEU A 1 73 ? -3.466  -0.703  13.294  1.00 34.77 ? 72  LEU A O   1 
ATOM   529 C CB  . LEU A 1 73 ? -3.777  -1.939  10.342  1.00 32.48 ? 72  LEU A CB  1 
ATOM   530 C CG  . LEU A 1 73 ? -4.481  -3.112  9.648   1.00 33.06 ? 72  LEU A CG  1 
ATOM   531 C CD1 . LEU A 1 73 ? -3.457  -4.139  9.239   1.00 37.56 ? 72  LEU A CD1 1 
ATOM   532 C CD2 . LEU A 1 73 ? -5.581  -3.762  10.488  1.00 31.79 ? 72  LEU A CD2 1 
ATOM   533 N N   . LYS A 1 74 ? -3.256  0.943   11.764  1.00 33.33 ? 73  LYS A N   1 
ATOM   534 C CA  . LYS A 1 74 ? -2.461  1.778   12.664  1.00 36.78 ? 73  LYS A CA  1 
ATOM   535 C C   . LYS A 1 74 ? -3.306  2.134   13.878  1.00 36.66 ? 73  LYS A C   1 
ATOM   536 O O   . LYS A 1 74 ? -2.849  1.988   15.011  1.00 33.87 ? 73  LYS A O   1 
ATOM   537 C CB  . LYS A 1 74 ? -1.949  3.054   11.975  1.00 30.44 ? 73  LYS A CB  1 
ATOM   538 N N   . GLU A 1 75 ? -4.543  2.574   13.639  1.00 36.45 ? 74  GLU A N   1 
ATOM   539 C CA  . GLU A 1 75 ? -5.429  3.002   14.725  1.00 35.94 ? 74  GLU A CA  1 
ATOM   540 C C   . GLU A 1 75 ? -5.735  1.828   15.658  1.00 36.61 ? 74  GLU A C   1 
ATOM   541 O O   . GLU A 1 75 ? -5.752  1.983   16.881  1.00 35.87 ? 74  GLU A O   1 
ATOM   542 C CB  . GLU A 1 75 ? -6.721  3.612   14.172  1.00 28.20 ? 74  GLU A CB  1 
ATOM   543 N N   . TYR A 1 76 ? -5.953  0.653   15.069  1.00 36.73 ? 75  TYR A N   1 
ATOM   544 C CA  . TYR A 1 76 ? -6.174  -0.567  15.828  1.00 30.65 ? 75  TYR A CA  1 
ATOM   545 C C   . TYR A 1 76 ? -4.987  -0.858  16.737  1.00 38.74 ? 75  TYR A C   1 
ATOM   546 O O   . TYR A 1 76 ? -5.158  -1.162  17.921  1.00 38.30 ? 75  TYR A O   1 
ATOM   547 C CB  . TYR A 1 76 ? -6.410  -1.758  14.890  1.00 32.04 ? 75  TYR A CB  1 
ATOM   548 C CG  . TYR A 1 76 ? -6.563  -3.067  15.624  1.00 31.02 ? 75  TYR A CG  1 
ATOM   549 C CD1 . TYR A 1 76 ? -7.813  -3.512  16.026  1.00 33.94 ? 75  TYR A CD1 1 
ATOM   550 C CD2 . TYR A 1 76 ? -5.460  -3.846  15.940  1.00 31.79 ? 75  TYR A CD2 1 
ATOM   551 C CE1 . TYR A 1 76 ? -7.967  -4.702  16.720  1.00 35.70 ? 75  TYR A CE1 1 
ATOM   552 C CE2 . TYR A 1 76 ? -5.601  -5.033  16.643  1.00 38.18 ? 75  TYR A CE2 1 
ATOM   553 C CZ  . TYR A 1 76 ? -6.859  -5.458  17.027  1.00 38.67 ? 75  TYR A CZ  1 
ATOM   554 O OH  . TYR A 1 76 ? -7.010  -6.644  17.713  1.00 42.59 ? 75  TYR A OH  1 
ATOM   555 N N   . LEU A 1 77 ? -3.783  -0.788  16.171  1.00 36.46 ? 76  LEU A N   1 
ATOM   556 C CA  . LEU A 1 77 ? -2.579  -1.136  16.913  1.00 36.56 ? 76  LEU A CA  1 
ATOM   557 C C   . LEU A 1 77 ? -2.283  -0.097  17.993  1.00 37.14 ? 76  LEU A C   1 
ATOM   558 O O   . LEU A 1 77 ? -1.699  -0.418  19.030  1.00 38.18 ? 76  LEU A O   1 
ATOM   559 C CB  . LEU A 1 77 ? -1.383  -1.291  15.964  1.00 32.76 ? 76  LEU A CB  1 
ATOM   560 C CG  . LEU A 1 77 ? -1.404  -2.567  15.113  1.00 36.92 ? 76  LEU A CG  1 
ATOM   561 C CD1 . LEU A 1 77 ? -0.445  -2.497  13.924  1.00 34.09 ? 76  LEU A CD1 1 
ATOM   562 C CD2 . LEU A 1 77 ? -1.112  -3.802  15.963  1.00 34.88 ? 76  LEU A CD2 1 
ATOM   563 N N   . LYS A 1 78 ? -2.698  1.142   17.755  1.00 33.88 ? 77  LYS A N   1 
ATOM   564 C CA  . LYS A 1 78 ? -2.531  2.187   18.750  1.00 38.19 ? 77  LYS A CA  1 
ATOM   565 C C   . LYS A 1 78 ? -3.398  1.860   19.967  1.00 43.96 ? 77  LYS A C   1 
ATOM   566 O O   . LYS A 1 78 ? -2.988  2.053   21.114  1.00 46.13 ? 77  LYS A O   1 
ATOM   567 C CB  . LYS A 1 78 ? -2.892  3.564   18.169  1.00 44.61 ? 77  LYS A CB  1 
ATOM   568 C CG  . LYS A 1 78 ? -2.843  4.724   19.179  1.00 46.95 ? 77  LYS A CG  1 
ATOM   569 C CD  . LYS A 1 78 ? -4.015  5.697   19.020  1.00 47.44 ? 77  LYS A CD  1 
ATOM   570 C CE  . LYS A 1 78 ? -3.892  6.532   17.751  1.00 43.91 ? 77  LYS A CE  1 
ATOM   571 N N   . ASN A 1 79 ? -4.593  1.343   19.722  1.00 38.16 ? 78  ASN A N   1 
ATOM   572 C CA  . ASN A 1 79 ? -5.497  1.063   20.823  1.00 43.25 ? 78  ASN A CA  1 
ATOM   573 C C   . ASN A 1 79 ? -5.206  -0.255  21.522  1.00 43.55 ? 78  ASN A C   1 
ATOM   574 O O   . ASN A 1 79 ? -5.389  -0.364  22.739  1.00 46.05 ? 78  ASN A O   1 
ATOM   575 C CB  . ASN A 1 79 ? -6.940  1.100   20.335  1.00 40.91 ? 78  ASN A CB  1 
ATOM   576 C CG  . ASN A 1 79 ? -7.435  2.515   20.144  1.00 48.21 ? 78  ASN A CG  1 
ATOM   577 O OD1 . ASN A 1 79 ? -7.289  3.365   21.034  1.00 49.41 ? 78  ASN A OD1 1 
ATOM   578 N ND2 . ASN A 1 79 ? -7.992  2.792   18.970  1.00 47.87 ? 78  ASN A ND2 1 
ATOM   579 N N   . LYS A 1 80 ? -4.749  -1.250  20.767  1.00 39.89 ? 79  LYS A N   1 
ATOM   580 C CA  . LYS A 1 80 ? -4.261  -2.470  21.387  1.00 42.84 ? 79  LYS A CA  1 
ATOM   581 C C   . LYS A 1 80 ? -3.128  -2.104  22.343  1.00 46.59 ? 79  LYS A C   1 
ATOM   582 O O   . LYS A 1 80 ? -3.038  -2.642  23.451  1.00 50.13 ? 79  LYS A O   1 
ATOM   583 C CB  . LYS A 1 80 ? -3.785  -3.478  20.340  1.00 39.60 ? 79  LYS A CB  1 
ATOM   584 C CG  . LYS A 1 80 ? -3.339  -4.815  20.917  1.00 30.18 ? 79  LYS A CG  1 
ATOM   585 N N   . GLU A 1 81 ? -2.289  -1.157  21.931  1.00 41.33 ? 80  GLU A N   1 
ATOM   586 C CA  . GLU A 1 81 ? -1.140  -0.767  22.744  1.00 47.06 ? 80  GLU A CA  1 
ATOM   587 C C   . GLU A 1 81 ? -1.526  0.140   23.903  1.00 48.91 ? 80  GLU A C   1 
ATOM   588 O O   . GLU A 1 81 ? -0.795  0.236   24.879  1.00 49.98 ? 80  GLU A O   1 
ATOM   589 C CB  . GLU A 1 81 ? -0.077  -0.074  21.887  1.00 44.29 ? 80  GLU A CB  1 
ATOM   590 N N   . LYS A 1 82 ? -2.663  0.817   23.799  1.00 48.70 ? 81  LYS A N   1 
ATOM   591 C CA  . LYS A 1 82 ? -3.092  1.692   24.882  1.00 49.47 ? 81  LYS A CA  1 
ATOM   592 C C   . LYS A 1 82 ? -3.574  0.853   26.061  1.00 50.32 ? 81  LYS A C   1 
ATOM   593 O O   . LYS A 1 82 ? -3.652  1.327   27.198  1.00 58.62 ? 81  LYS A O   1 
ATOM   594 C CB  . LYS A 1 82 ? -4.187  2.658   24.416  1.00 50.79 ? 81  LYS A CB  1 
ATOM   595 C CG  . LYS A 1 82 ? -3.666  3.900   23.696  1.00 47.17 ? 81  LYS A CG  1 
ATOM   596 N N   . LYS A 1 83 ? -3.885  -0.404  25.787  1.00 49.76 ? 82  LYS A N   1 
ATOM   597 C CA  . LYS A 1 83 ? -4.325  -1.308  26.834  1.00 57.80 ? 82  LYS A CA  1 
ATOM   598 C C   . LYS A 1 83 ? -3.311  -1.365  27.975  1.00 65.00 ? 82  LYS A C   1 
ATOM   599 O O   . LYS A 1 83 ? -3.668  -1.113  29.132  1.00 71.32 ? 82  LYS A O   1 
ATOM   600 C CB  . LYS A 1 83 ? -4.579  -2.699  26.256  1.00 54.01 ? 82  LYS A CB  1 
ATOM   601 C CG  . LYS A 1 83 ? -5.816  -2.745  25.367  1.00 49.83 ? 82  LYS A CG  1 
ATOM   602 C CD  . LYS A 1 83 ? -6.127  -4.170  24.959  1.00 57.54 ? 82  LYS A CD  1 
ATOM   603 C CE  . LYS A 1 83 ? -7.592  -4.334  24.582  1.00 57.18 ? 82  LYS A CE  1 
ATOM   604 N NZ  . LYS A 1 83 ? -7.872  -5.724  24.111  1.00 59.45 ? 82  LYS A NZ  1 
ATOM   605 N N   . ALA A 1 84 ? -2.054  -1.664  27.653  1.00 61.24 ? 83  ALA A N   1 
ATOM   606 C CA  . ALA A 1 84 ? -0.988  -1.621  28.652  1.00 61.29 ? 83  ALA A CA  1 
ATOM   607 C C   . ALA A 1 84 ? -0.351  -0.232  28.737  1.00 57.39 ? 83  ALA A C   1 
ATOM   608 O O   . ALA A 1 84 ? -0.760  0.608   29.545  1.00 62.93 ? 83  ALA A O   1 
ATOM   609 C CB  . ALA A 1 84 ? 0.064   -2.661  28.342  1.00 69.25 ? 83  ALA A CB  1 
ATOM   610 N N   . ASP B 2 9  ? -1.696  13.602  -10.845 1.00 45.63 ? 320 ASP B N   1 
ATOM   611 C CA  . ASP B 2 9  ? -1.642  14.175  -9.501  1.00 53.42 ? 320 ASP B CA  1 
ATOM   612 C C   . ASP B 2 9  ? -1.870  13.140  -8.376  1.00 53.83 ? 320 ASP B C   1 
ATOM   613 O O   . ASP B 2 9  ? -2.982  12.660  -8.159  1.00 58.28 ? 320 ASP B O   1 
ATOM   614 C CB  . ASP B 2 9  ? -2.663  15.304  -9.387  1.00 59.46 ? 320 ASP B CB  1 
ATOM   615 C CG  . ASP B 2 9  ? -2.620  16.005  -8.040  1.00 60.44 ? 320 ASP B CG  1 
ATOM   616 O OD1 . ASP B 2 9  ? -3.573  16.763  -7.736  1.00 65.08 ? 320 ASP B OD1 1 
ATOM   617 O OD2 . ASP B 2 9  ? -1.642  15.798  -7.287  1.00 51.32 ? 320 ASP B OD2 1 
ATOM   618 N N   . PHE B 2 10 ? -0.800  12.829  -7.648  1.00 56.34 ? 321 PHE B N   1 
ATOM   619 C CA  . PHE B 2 10 ? -0.839  11.832  -6.579  1.00 47.78 ? 321 PHE B CA  1 
ATOM   620 C C   . PHE B 2 10 ? -0.374  12.394  -5.231  1.00 42.56 ? 321 PHE B C   1 
ATOM   621 O O   . PHE B 2 10 ? 0.147   11.659  -4.388  1.00 42.95 ? 321 PHE B O   1 
ATOM   622 C CB  . PHE B 2 10 ? 0.014   10.622  -6.975  1.00 42.35 ? 321 PHE B CB  1 
ATOM   623 C CG  . PHE B 2 10 ? -0.683  9.692   -7.923  1.00 50.01 ? 321 PHE B CG  1 
ATOM   624 C CD1 . PHE B 2 10 ? -1.147  8.458   -7.492  1.00 45.54 ? 321 PHE B CD1 1 
ATOM   625 C CD2 . PHE B 2 10 ? -0.924  10.072  -9.241  1.00 53.63 ? 321 PHE B CD2 1 
ATOM   626 C CE1 . PHE B 2 10 ? -1.820  7.605   -8.369  1.00 44.83 ? 321 PHE B CE1 1 
ATOM   627 C CE2 . PHE B 2 10 ? -1.597  9.228   -10.123 1.00 45.19 ? 321 PHE B CE2 1 
ATOM   628 C CZ  . PHE B 2 10 ? -2.042  7.993   -9.686  1.00 41.99 ? 321 PHE B CZ  1 
ATOM   629 N N   . ASP B 2 11 ? -0.585  13.693  -5.028  1.00 40.60 ? 322 ASP B N   1 
ATOM   630 C CA  . ASP B 2 11 ? -0.137  14.378  -3.814  1.00 40.02 ? 322 ASP B CA  1 
ATOM   631 C C   . ASP B 2 11 ? -0.829  13.878  -2.545  1.00 37.99 ? 322 ASP B C   1 
ATOM   632 O O   . ASP B 2 11 ? -0.168  13.673  -1.526  1.00 35.58 ? 322 ASP B O   1 
ATOM   633 C CB  . ASP B 2 11 ? -0.352  15.890  -3.936  1.00 40.27 ? 322 ASP B CB  1 
ATOM   634 C CG  . ASP B 2 11 ? 0.532   16.529  -4.986  1.00 47.12 ? 322 ASP B CG  1 
ATOM   635 O OD1 . ASP B 2 11 ? 1.626   15.984  -5.240  1.00 54.20 ? 322 ASP B OD1 1 
ATOM   636 O OD2 . ASP B 2 11 ? 0.142   17.576  -5.549  1.00 42.50 ? 322 ASP B OD2 1 
ATOM   637 N N   . ASP B 2 12 ? -2.151  13.695  -2.608  1.00 38.09 ? 323 ASP B N   1 
ATOM   638 C CA  . ASP B 2 12 ? -2.936  13.283  -1.440  1.00 40.66 ? 323 ASP B CA  1 
ATOM   639 C C   . ASP B 2 12 ? -2.461  11.925  -0.929  1.00 39.61 ? 323 ASP B C   1 
ATOM   640 O O   . ASP B 2 12 ? -2.260  11.734  0.279   1.00 33.69 ? 323 ASP B O   1 
ATOM   641 C CB  . ASP B 2 12 ? -4.432  13.242  -1.773  1.00 33.24 ? 323 ASP B CB  1 
ATOM   642 N N   . LEU B 2 13 ? -2.246  11.000  -1.862  1.00 37.08 ? 324 LEU B N   1 
ATOM   643 C CA  . LEU B 2 13 ? -1.743  9.677   -1.521  1.00 34.60 ? 324 LEU B CA  1 
ATOM   644 C C   . LEU B 2 13 ? -0.317  9.793   -0.986  1.00 37.07 ? 324 LEU B C   1 
ATOM   645 O O   . LEU B 2 13 ? 0.042   9.114   -0.018  1.00 33.10 ? 324 LEU B O   1 
ATOM   646 C CB  . LEU B 2 13 ? -1.810  8.734   -2.733  1.00 31.08 ? 324 LEU B CB  1 
ATOM   647 C CG  . LEU B 2 13 ? -3.233  8.562   -3.303  1.00 36.06 ? 324 LEU B CG  1 
ATOM   648 C CD1 . LEU B 2 13 ? -3.272  7.871   -4.659  1.00 30.98 ? 324 LEU B CD1 1 
ATOM   649 C CD2 . LEU B 2 13 ? -4.115  7.827   -2.320  1.00 27.88 ? 324 LEU B CD2 1 
ATOM   650 N N   . SER B 2 14 ? 0.492   10.660  -1.591  1.00 34.06 ? 325 SER B N   1 
ATOM   651 C CA  . SER B 2 14 ? 1.863   10.824  -1.103  1.00 35.67 ? 325 SER B CA  1 
ATOM   652 C C   . SER B 2 14 ? 1.864   11.426  0.295   1.00 36.57 ? 325 SER B C   1 
ATOM   653 O O   . SER B 2 14 ? 2.651   11.031  1.158   1.00 31.35 ? 325 SER B O   1 
ATOM   654 C CB  . SER B 2 14 ? 2.687   11.692  -2.039  1.00 31.74 ? 325 SER B CB  1 
ATOM   655 O OG  . SER B 2 14 ? 3.132   10.943  -3.148  1.00 45.74 ? 325 SER B OG  1 
ATOM   656 N N   . ARG B 2 15 ? 0.963   12.379  0.504   1.00 35.73 ? 326 ARG B N   1 
ATOM   657 C CA  . ARG B 2 15 ? 0.828   13.035  1.787   1.00 36.68 ? 326 ARG B CA  1 
ATOM   658 C C   . ARG B 2 15 ? 0.430   11.990  2.831   1.00 38.77 ? 326 ARG B C   1 
ATOM   659 O O   . ARG B 2 15 ? 1.080   11.873  3.866   1.00 36.95 ? 326 ARG B O   1 
ATOM   660 C CB  . ARG B 2 15 ? -0.186  14.182  1.687   1.00 35.87 ? 326 ARG B CB  1 
ATOM   661 C CG  . ARG B 2 15 ? -0.310  15.065  2.912   1.00 38.29 ? 326 ARG B CG  1 
ATOM   662 C CD  . ARG B 2 15 ? -1.710  14.929  3.509   1.00 50.02 ? 326 ARG B CD  1 
ATOM   663 N NE  . ARG B 2 15 ? -2.729  14.797  2.458   1.00 59.58 ? 326 ARG B NE  1 
ATOM   664 C CZ  . ARG B 2 15 ? -3.917  14.207  2.618   1.00 61.64 ? 326 ARG B CZ  1 
ATOM   665 N NH1 . ARG B 2 15 ? -4.246  13.690  3.805   1.00 58.48 ? 326 ARG B NH1 1 
ATOM   666 N NH2 . ARG B 2 15 ? -4.774  14.125  1.592   1.00 50.11 ? 326 ARG B NH2 1 
ATOM   667 N N   . ARG B 2 16 ? -0.595  11.192  2.536   1.00 38.80 ? 327 ARG B N   1 
ATOM   668 C CA  . ARG B 2 16 ? -1.038  10.147  3.466   1.00 36.67 ? 327 ARG B CA  1 
ATOM   669 C C   . ARG B 2 16 ? -0.003  9.035   3.694   1.00 36.32 ? 327 ARG B C   1 
ATOM   670 O O   . ARG B 2 16 ? 0.129   8.512   4.800   1.00 36.41 ? 327 ARG B O   1 
ATOM   671 C CB  . ARG B 2 16 ? -2.347  9.539   2.979   1.00 38.93 ? 327 ARG B CB  1 
ATOM   672 C CG  . ARG B 2 16 ? -3.510  10.499  3.070   1.00 40.67 ? 327 ARG B CG  1 
ATOM   673 C CD  . ARG B 2 16 ? -4.754  9.913   2.456   1.00 42.34 ? 327 ARG B CD  1 
ATOM   674 N NE  . ARG B 2 16 ? -5.090  8.620   3.033   1.00 39.58 ? 327 ARG B NE  1 
ATOM   675 C CZ  . ARG B 2 16 ? -5.947  7.769   2.479   1.00 37.94 ? 327 ARG B CZ  1 
ATOM   676 N NH1 . ARG B 2 16 ? -6.547  8.081   1.343   1.00 38.71 ? 327 ARG B NH1 1 
ATOM   677 N NH2 . ARG B 2 16 ? -6.200  6.607   3.050   1.00 37.90 ? 327 ARG B NH2 1 
ATOM   678 N N   . PHE B 2 17 ? 0.736   8.672   2.655   1.00 36.07 ? 328 PHE B N   1 
ATOM   679 C CA  . PHE B 2 17 ? 1.776   7.669   2.827   1.00 35.20 ? 328 PHE B CA  1 
ATOM   680 C C   . PHE B 2 17 ? 2.893   8.154   3.770   1.00 34.86 ? 328 PHE B C   1 
ATOM   681 O O   . PHE B 2 17 ? 3.346   7.422   4.645   1.00 36.71 ? 328 PHE B O   1 
ATOM   682 C CB  . PHE B 2 17 ? 2.368   7.259   1.473   1.00 33.83 ? 328 PHE B CB  1 
ATOM   683 C CG  . PHE B 2 17 ? 3.624   6.448   1.597   1.00 36.06 ? 328 PHE B CG  1 
ATOM   684 C CD1 . PHE B 2 17 ? 3.594   5.181   2.166   1.00 31.65 ? 328 PHE B CD1 1 
ATOM   685 C CD2 . PHE B 2 17 ? 4.839   6.966   1.185   1.00 34.71 ? 328 PHE B CD2 1 
ATOM   686 C CE1 . PHE B 2 17 ? 4.742   4.443   2.303   1.00 32.60 ? 328 PHE B CE1 1 
ATOM   687 C CE2 . PHE B 2 17 ? 5.994   6.229   1.315   1.00 32.31 ? 328 PHE B CE2 1 
ATOM   688 C CZ  . PHE B 2 17 ? 5.944   4.966   1.877   1.00 36.50 ? 328 PHE B CZ  1 
ATOM   689 N N   . GLU B 2 18 ? 3.338   9.389   3.587   1.00 37.59 ? 329 GLU B N   1 
ATOM   690 C CA  . GLU B 2 18 ? 4.387   9.945   4.432   1.00 40.09 ? 329 GLU B CA  1 
ATOM   691 C C   . GLU B 2 18 ? 3.960   10.004  5.904   1.00 40.67 ? 329 GLU B C   1 
ATOM   692 O O   . GLU B 2 18 ? 4.721   9.605   6.781   1.00 41.39 ? 329 GLU B O   1 
ATOM   693 C CB  . GLU B 2 18 ? 4.795   11.331  3.923   1.00 32.11 ? 329 GLU B CB  1 
ATOM   694 C CG  . GLU B 2 18 ? 5.844   11.285  2.809   1.00 36.98 ? 329 GLU B CG  1 
ATOM   695 N N   . GLU B 2 19 ? 2.742   10.474  6.163   1.00 39.63 ? 330 GLU B N   1 
ATOM   696 C CA  . GLU B 2 19 ? 2.198   10.496  7.521   1.00 41.20 ? 330 GLU B CA  1 
ATOM   697 C C   . GLU B 2 19 ? 2.196   9.092   8.139   1.00 49.57 ? 330 GLU B C   1 
ATOM   698 O O   . GLU B 2 19 ? 2.452   8.925   9.335   1.00 52.61 ? 330 GLU B O   1 
ATOM   699 C CB  . GLU B 2 19 ? 0.778   11.076  7.529   1.00 34.14 ? 330 GLU B CB  1 
ATOM   700 N N   . LEU B 2 20 ? 1.949   8.078   7.318   1.00 46.52 ? 331 LEU B N   1 
ATOM   701 C CA  . LEU B 2 20 ? 1.853   6.711   7.817   1.00 48.25 ? 331 LEU B CA  1 
ATOM   702 C C   . LEU B 2 20 ? 3.218   6.156   8.285   1.00 49.24 ? 331 LEU B C   1 
ATOM   703 O O   . LEU B 2 20 ? 3.367   4.958   8.486   1.00 60.07 ? 331 LEU B O   1 
ATOM   704 C CB  . LEU B 2 20 ? 1.222   5.813   6.735   1.00 50.08 ? 331 LEU B CB  1 
ATOM   705 C CG  . LEU B 2 20 ? 0.857   4.331   6.957   1.00 54.03 ? 331 LEU B CG  1 
ATOM   706 C CD1 . LEU B 2 20 ? -0.648  4.095   7.079   1.00 48.99 ? 331 LEU B CD1 1 
ATOM   707 C CD2 . LEU B 2 20 ? 1.426   3.485   5.828   1.00 48.61 ? 331 LEU B CD2 1 
ATOM   708 N N   . LYS B 2 21 ? 4.205   7.022   8.493   1.00 54.65 ? 332 LYS B N   1 
ATOM   709 C CA  . LYS B 2 21 ? 5.481   6.592   9.082   1.00 58.41 ? 332 LYS B CA  1 
ATOM   710 C C   . LYS B 2 21 ? 5.885   7.426   10.314  1.00 55.08 ? 332 LYS B C   1 
ATOM   711 O O   . LYS B 2 21 ? 5.422   7.182   11.435  1.00 52.08 ? 332 LYS B O   1 
ATOM   712 C CB  . LYS B 2 21 ? 6.585   6.651   8.028   1.00 48.56 ? 332 LYS B CB  1 
ATOM   713 C CG  . LYS B 2 21 ? 6.211   5.986   6.708   1.00 45.26 ? 332 LYS B CG  1 
ATOM   714 C CD  . LYS B 2 21 ? 6.809   6.727   5.515   1.00 42.87 ? 332 LYS B CD  1 
ATOM   715 C CE  . LYS B 2 21 ? 8.325   6.560   5.435   1.00 46.96 ? 332 LYS B CE  1 
ATOM   716 N NZ  . LYS B 2 21 ? 8.904   7.362   4.317   1.00 39.20 ? 332 LYS B NZ  1 
HETATM 717 O O   . HOH C 3 .  ? 11.172  -1.516  -11.930 1.00 28.86 ? 101 HOH A O   1 
HETATM 718 O O   . HOH C 3 .  ? -8.712  -1.676  -12.463 1.00 35.02 ? 102 HOH A O   1 
HETATM 719 O O   . HOH C 3 .  ? -2.934  1.545   -19.541 1.00 39.98 ? 103 HOH A O   1 
HETATM 720 O O   . HOH C 3 .  ? 0.863   -8.123  -28.248 1.00 23.53 ? 104 HOH A O   1 
HETATM 721 O O   . HOH D 3 .  ? -3.683  11.735  -4.534  1.00 30.35 ? 401 HOH B O   1 
HETATM 722 O O   . HOH D 3 .  ? -1.767  13.205  -15.364 1.00 42.67 ? 402 HOH B O   1 
# 
loop_
_pdbx_poly_seq_scheme.asym_id 
_pdbx_poly_seq_scheme.entity_id 
_pdbx_poly_seq_scheme.seq_id 
_pdbx_poly_seq_scheme.mon_id 
_pdbx_poly_seq_scheme.ndb_seq_num 
_pdbx_poly_seq_scheme.pdb_seq_num 
_pdbx_poly_seq_scheme.auth_seq_num 
_pdbx_poly_seq_scheme.pdb_mon_id 
_pdbx_poly_seq_scheme.auth_mon_id 
_pdbx_poly_seq_scheme.pdb_strand_id 
_pdbx_poly_seq_scheme.pdb_ins_code 
_pdbx_poly_seq_scheme.hetero 
A 1 1  SER 1  0   ?   ?   ?   A . n 
A 1 2  MET 2  1   1   MET MET A . n 
A 1 3  SER 3  2   2   SER SER A . n 
A 1 4  SER 4  3   3   SER SER A . n 
A 1 5  THR 5  4   4   THR THR A . n 
A 1 6  SER 6  5   5   SER SER A . n 
A 1 7  PRO 7  6   6   PRO PRO A . n 
A 1 8  ASN 8  7   7   ASN ASN A . n 
A 1 9  LEU 9  8   8   LEU LEU A . n 
A 1 10 GLN 10 9   9   GLN GLN A . n 
A 1 11 LYS 11 10  10  LYS LYS A . n 
A 1 12 ALA 12 11  11  ALA ALA A . n 
A 1 13 ILE 13 12  12  ILE ILE A . n 
A 1 14 ASP 14 13  13  ASP ASP A . n 
A 1 15 LEU 15 14  14  LEU LEU A . n 
A 1 16 ALA 16 15  15  ALA ALA A . n 
A 1 17 SER 17 16  16  SER SER A . n 
A 1 18 LYS 18 17  17  LYS LYS A . n 
A 1 19 ALA 19 18  18  ALA ALA A . n 
A 1 20 ALA 20 19  19  ALA ALA A . n 
A 1 21 GLN 21 20  20  GLN GLN A . n 
A 1 22 GLU 22 21  21  GLU GLU A . n 
A 1 23 ASP 23 22  22  ASP ASP A . n 
A 1 24 LYS 24 23  23  LYS LYS A . n 
A 1 25 ALA 25 24  24  ALA ALA A . n 
A 1 26 GLY 26 25  25  GLY GLY A . n 
A 1 27 ASN 27 26  26  ASN ASN A . n 
A 1 28 TYR 28 27  27  TYR TYR A . n 
A 1 29 GLU 29 28  28  GLU GLU A . n 
A 1 30 GLU 30 29  29  GLU GLU A . n 
A 1 31 ALA 31 30  30  ALA ALA A . n 
A 1 32 LEU 32 31  31  LEU LEU A . n 
A 1 33 GLN 33 32  32  GLN GLN A . n 
A 1 34 LEU 34 33  33  LEU LEU A . n 
A 1 35 TYR 35 34  34  TYR TYR A . n 
A 1 36 GLN 36 35  35  GLN GLN A . n 
A 1 37 HIS 37 36  36  HIS HIS A . n 
A 1 38 ALA 38 37  37  ALA ALA A . n 
A 1 39 VAL 39 38  38  VAL VAL A . n 
A 1 40 GLN 40 39  39  GLN GLN A . n 
A 1 41 TYR 41 40  40  TYR TYR A . n 
A 1 42 PHE 42 41  41  PHE PHE A . n 
A 1 43 LEU 43 42  42  LEU LEU A . n 
A 1 44 HIS 44 43  43  HIS HIS A . n 
A 1 45 VAL 45 44  44  VAL VAL A . n 
A 1 46 VAL 46 45  45  VAL VAL A . n 
A 1 47 LYS 47 46  46  LYS LYS A . n 
A 1 48 TYR 48 47  47  TYR TYR A . n 
A 1 49 GLU 49 48  48  GLU GLU A . n 
A 1 50 ALA 50 49  49  ALA ALA A . n 
A 1 51 GLN 51 50  50  GLN GLN A . n 
A 1 52 GLY 52 51  51  GLY GLY A . n 
A 1 53 ASP 53 52  52  ASP ASP A . n 
A 1 54 LYS 54 53  53  LYS LYS A . n 
A 1 55 ALA 55 54  54  ALA ALA A . n 
A 1 56 LYS 56 55  55  LYS LYS A . n 
A 1 57 GLN 57 56  56  GLN GLN A . n 
A 1 58 SER 58 57  57  SER SER A . n 
A 1 59 ILE 59 58  58  ILE ILE A . n 
A 1 60 ARG 60 59  59  ARG ARG A . n 
A 1 61 ALA 61 60  60  ALA ALA A . n 
A 1 62 LYS 62 61  61  LYS LYS A . n 
A 1 63 CYS 63 62  62  CYS CYS A . n 
A 1 64 THR 64 63  63  THR THR A . n 
A 1 65 GLU 65 64  64  GLU GLU A . n 
A 1 66 TYR 66 65  65  TYR TYR A . n 
A 1 67 LEU 67 66  66  LEU LEU A . n 
A 1 68 ASP 68 67  67  ASP ASP A . n 
A 1 69 ARG 69 68  68  ARG ARG A . n 
A 1 70 ALA 70 69  69  ALA ALA A . n 
A 1 71 GLU 71 70  70  GLU GLU A . n 
A 1 72 LYS 72 71  71  LYS LYS A . n 
A 1 73 LEU 73 72  72  LEU LEU A . n 
A 1 74 LYS 74 73  73  LYS LYS A . n 
A 1 75 GLU 75 74  74  GLU GLU A . n 
A 1 76 TYR 76 75  75  TYR TYR A . n 
A 1 77 LEU 77 76  76  LEU LEU A . n 
A 1 78 LYS 78 77  77  LYS LYS A . n 
A 1 79 ASN 79 78  78  ASN ASN A . n 
A 1 80 LYS 80 79  79  LYS LYS A . n 
A 1 81 GLU 81 80  80  GLU GLU A . n 
A 1 82 LYS 82 81  81  LYS LYS A . n 
A 1 83 LYS 83 82  82  LYS LYS A . n 
A 1 84 ALA 84 83  83  ALA ALA A . n 
A 1 85 GLN 85 84  ?   ?   ?   A . n 
A 1 86 LYS 86 85  ?   ?   ?   A . n 
A 1 87 PRO 87 86  ?   ?   ?   A . n 
A 1 88 VAL 88 87  ?   ?   ?   A . n 
A 1 89 LYS 89 88  ?   ?   ?   A . n 
A 1 90 GLU 90 89  ?   ?   ?   A . n 
B 2 1  SER 1  312 ?   ?   ?   B . n 
B 2 2  THR 2  313 ?   ?   ?   B . n 
B 2 3  SER 3  314 ?   ?   ?   B . n 
B 2 4  ALA 4  315 ?   ?   ?   B . n 
B 2 5  SER 5  316 ?   ?   ?   B . n 
B 2 6  GLU 6  317 ?   ?   ?   B . n 
B 2 7  ASP 7  318 ?   ?   ?   B . n 
B 2 8  ILE 8  319 ?   ?   ?   B . n 
B 2 9  ASP 9  320 320 ASP ASP B . n 
B 2 10 PHE 10 321 321 PHE PHE B . n 
B 2 11 ASP 11 322 322 ASP ASP B . n 
B 2 12 ASP 12 323 323 ASP ASP B . n 
B 2 13 LEU 13 324 324 LEU LEU B . n 
B 2 14 SER 14 325 325 SER SER B . n 
B 2 15 ARG 15 326 326 ARG ARG B . n 
B 2 16 ARG 16 327 327 ARG ARG B . n 
B 2 17 PHE 17 328 328 PHE PHE B . n 
B 2 18 GLU 18 329 329 GLU GLU B . n 
B 2 19 GLU 19 330 330 GLU GLU B . n 
B 2 20 LEU 20 331 331 LEU LEU B . n 
B 2 21 LYS 21 332 332 LYS LYS B . n 
B 2 22 LYS 22 333 ?   ?   ?   B . n 
B 2 23 LYS 23 334 ?   ?   ?   B . n 
B 2 24 THR 24 335 ?   ?   ?   B . n 
B 2 25 TRP 25 336 ?   ?   ?   B . n 
# 
loop_
_pdbx_nonpoly_scheme.asym_id 
_pdbx_nonpoly_scheme.entity_id 
_pdbx_nonpoly_scheme.mon_id 
_pdbx_nonpoly_scheme.ndb_seq_num 
_pdbx_nonpoly_scheme.pdb_seq_num 
_pdbx_nonpoly_scheme.auth_seq_num 
_pdbx_nonpoly_scheme.pdb_mon_id 
_pdbx_nonpoly_scheme.auth_mon_id 
_pdbx_nonpoly_scheme.pdb_strand_id 
_pdbx_nonpoly_scheme.pdb_ins_code 
C 3 HOH 1 101 2  HOH HOH A . 
C 3 HOH 2 102 5  HOH HOH A . 
C 3 HOH 3 103 3  HOH HOH A . 
C 3 HOH 4 104 11 HOH HOH A . 
D 3 HOH 1 401 1  HOH HOH B . 
D 3 HOH 2 402 15 HOH HOH B . 
# 
_pdbx_struct_assembly.id                   1 
_pdbx_struct_assembly.details              author_and_software_defined_assembly 
_pdbx_struct_assembly.method_details       PISA 
_pdbx_struct_assembly.oligomeric_details   dimeric 
_pdbx_struct_assembly.oligomeric_count     2 
# 
_pdbx_struct_assembly_gen.assembly_id       1 
_pdbx_struct_assembly_gen.oper_expression   1 
_pdbx_struct_assembly_gen.asym_id_list      A,B,C,D 
# 
loop_
_pdbx_struct_assembly_prop.biol_id 
_pdbx_struct_assembly_prop.type 
_pdbx_struct_assembly_prop.value 
_pdbx_struct_assembly_prop.details 
1 'ABSA (A^2)' 1090 ? 
1 MORE         -7   ? 
1 'SSA (A^2)'  6070 ? 
# 
_pdbx_struct_oper_list.id                   1 
_pdbx_struct_oper_list.type                 'identity operation' 
_pdbx_struct_oper_list.name                 1_555 
_pdbx_struct_oper_list.symmetry_operation   x,y,z 
_pdbx_struct_oper_list.matrix[1][1]         1.0000000000 
_pdbx_struct_oper_list.matrix[1][2]         0.0000000000 
_pdbx_struct_oper_list.matrix[1][3]         0.0000000000 
_pdbx_struct_oper_list.vector[1]            0.0000000000 
_pdbx_struct_oper_list.matrix[2][1]         0.0000000000 
_pdbx_struct_oper_list.matrix[2][2]         1.0000000000 
_pdbx_struct_oper_list.matrix[2][3]         0.0000000000 
_pdbx_struct_oper_list.vector[2]            0.0000000000 
_pdbx_struct_oper_list.matrix[3][1]         0.0000000000 
_pdbx_struct_oper_list.matrix[3][2]         0.0000000000 
_pdbx_struct_oper_list.matrix[3][3]         1.0000000000 
_pdbx_struct_oper_list.vector[3]            0.0000000000 
# 
loop_
_pdbx_audit_revision_history.ordinal 
_pdbx_audit_revision_history.data_content_type 
_pdbx_audit_revision_history.major_revision 
_pdbx_audit_revision_history.minor_revision 
_pdbx_audit_revision_history.revision_date 
1 'Structure model' 1 0 2015-02-11 
2 'Structure model' 1 1 2015-02-18 
3 'Structure model' 1 2 2015-04-08 
4 'Structure model' 1 3 2017-09-27 
5 'Structure model' 1 4 2019-12-25 
6 'Structure model' 1 5 2023-09-27 
# 
_pdbx_audit_revision_details.ordinal             1 
_pdbx_audit_revision_details.revision_ordinal    1 
_pdbx_audit_revision_details.data_content_type   'Structure model' 
_pdbx_audit_revision_details.provider            repository 
_pdbx_audit_revision_details.type                'Initial release' 
_pdbx_audit_revision_details.description         ? 
_pdbx_audit_revision_details.details             ? 
# 
loop_
_pdbx_audit_revision_group.ordinal 
_pdbx_audit_revision_group.revision_ordinal 
_pdbx_audit_revision_group.data_content_type 
_pdbx_audit_revision_group.group 
1  2 'Structure model' 'Database references'        
2  3 'Structure model' 'Database references'        
3  4 'Structure model' 'Author supporting evidence' 
4  4 'Structure model' 'Database references'        
5  4 'Structure model' 'Derived calculations'       
6  4 'Structure model' Other                        
7  4 'Structure model' 'Refinement description'     
8  4 'Structure model' 'Source and taxonomy'        
9  4 'Structure model' 'Structure summary'          
10 5 'Structure model' 'Author supporting evidence' 
11 6 'Structure model' 'Data collection'            
12 6 'Structure model' 'Database references'        
13 6 'Structure model' 'Refinement description'     
# 
loop_
_pdbx_audit_revision_category.ordinal 
_pdbx_audit_revision_category.revision_ordinal 
_pdbx_audit_revision_category.data_content_type 
_pdbx_audit_revision_category.category 
1  4 'Structure model' citation                      
2  4 'Structure model' entity_src_gen                
3  4 'Structure model' pdbx_audit_support            
4  4 'Structure model' pdbx_database_status          
5  4 'Structure model' pdbx_struct_assembly          
6  4 'Structure model' pdbx_struct_assembly_gen      
7  4 'Structure model' pdbx_struct_assembly_prop     
8  4 'Structure model' pdbx_struct_oper_list         
9  4 'Structure model' software                      
10 4 'Structure model' struct_keywords               
11 5 'Structure model' pdbx_audit_support            
12 6 'Structure model' chem_comp_atom                
13 6 'Structure model' chem_comp_bond                
14 6 'Structure model' database_2                    
15 6 'Structure model' diffrn_radiation_wavelength   
16 6 'Structure model' pdbx_initial_refinement_model 
17 6 'Structure model' refine_hist                   
# 
loop_
_pdbx_audit_revision_item.ordinal 
_pdbx_audit_revision_item.revision_ordinal 
_pdbx_audit_revision_item.data_content_type 
_pdbx_audit_revision_item.item 
1  4 'Structure model' '_citation.journal_id_CSD'                    
2  4 'Structure model' '_entity_src_gen.pdbx_alt_source_flag'        
3  4 'Structure model' '_pdbx_audit_support.funding_organization'    
4  4 'Structure model' '_pdbx_database_status.pdb_format_compatible' 
5  4 'Structure model' '_pdbx_struct_assembly.oligomeric_details'    
6  4 'Structure model' '_pdbx_struct_assembly_gen.asym_id_list'      
7  4 'Structure model' '_pdbx_struct_assembly_prop.type'             
8  4 'Structure model' '_pdbx_struct_assembly_prop.value'            
9  4 'Structure model' '_pdbx_struct_oper_list.symmetry_operation'   
10 4 'Structure model' '_struct_keywords.text'                       
11 5 'Structure model' '_pdbx_audit_support.funding_organization'    
12 6 'Structure model' '_database_2.pdbx_DOI'                        
13 6 'Structure model' '_database_2.pdbx_database_accession'         
14 6 'Structure model' '_diffrn_radiation_wavelength.wavelength'     
# 
loop_
_software.citation_id 
_software.classification 
_software.compiler_name 
_software.compiler_version 
_software.contact_author 
_software.contact_author_email 
_software.date 
_software.description 
_software.dependencies 
_software.hardware 
_software.language 
_software.location 
_software.mods 
_software.name 
_software.os 
_software.os_version 
_software.type 
_software.version 
_software.pdbx_ordinal 
? 'data scaling' ? ? ? ? ? ? ? ? ? ? ? HKL-2000 ? ? ? .                           1 
? phasing        ? ? ? ? ? ? ? ? ? ? ? PHASER   ? ? ? .                           2 
? refinement     ? ? ? ? ? ? ? ? ? ? ? PHENIX   ? ? ? '(phenix.refine: dev_1593)' 3 
# 
loop_
_pdbx_validate_torsion.id 
_pdbx_validate_torsion.PDB_model_num 
_pdbx_validate_torsion.auth_comp_id 
_pdbx_validate_torsion.auth_asym_id 
_pdbx_validate_torsion.auth_seq_id 
_pdbx_validate_torsion.PDB_ins_code 
_pdbx_validate_torsion.label_alt_id 
_pdbx_validate_torsion.phi 
_pdbx_validate_torsion.psi 
1 1 SER A 2   ? ? -127.46 -169.75 
2 1 LEU B 331 ? ? -69.69  15.93   
# 
loop_
_pdbx_unobs_or_zero_occ_atoms.id 
_pdbx_unobs_or_zero_occ_atoms.PDB_model_num 
_pdbx_unobs_or_zero_occ_atoms.polymer_flag 
_pdbx_unobs_or_zero_occ_atoms.occupancy_flag 
_pdbx_unobs_or_zero_occ_atoms.auth_asym_id 
_pdbx_unobs_or_zero_occ_atoms.auth_comp_id 
_pdbx_unobs_or_zero_occ_atoms.auth_seq_id 
_pdbx_unobs_or_zero_occ_atoms.PDB_ins_code 
_pdbx_unobs_or_zero_occ_atoms.auth_atom_id 
_pdbx_unobs_or_zero_occ_atoms.label_alt_id 
_pdbx_unobs_or_zero_occ_atoms.label_asym_id 
_pdbx_unobs_or_zero_occ_atoms.label_comp_id 
_pdbx_unobs_or_zero_occ_atoms.label_seq_id 
_pdbx_unobs_or_zero_occ_atoms.label_atom_id 
1  1 Y 1 A MET 1   ? SD  ? A MET 2  SD  
2  1 Y 1 A MET 1   ? CE  ? A MET 2  CE  
3  1 Y 1 A SER 3   ? OG  ? A SER 4  OG  
4  1 Y 1 A LYS 10  ? CD  ? A LYS 11 CD  
5  1 Y 1 A LYS 10  ? CE  ? A LYS 11 CE  
6  1 Y 1 A LYS 10  ? NZ  ? A LYS 11 NZ  
7  1 Y 1 A LYS 17  ? CG  ? A LYS 18 CG  
8  1 Y 1 A LYS 17  ? CD  ? A LYS 18 CD  
9  1 Y 1 A LYS 17  ? CE  ? A LYS 18 CE  
10 1 Y 1 A LYS 17  ? NZ  ? A LYS 18 NZ  
11 1 Y 1 A GLN 20  ? CG  ? A GLN 21 CG  
12 1 Y 1 A GLN 20  ? CD  ? A GLN 21 CD  
13 1 Y 1 A GLN 20  ? OE1 ? A GLN 21 OE1 
14 1 Y 1 A GLN 20  ? NE2 ? A GLN 21 NE2 
15 1 Y 1 A LYS 23  ? CD  ? A LYS 24 CD  
16 1 Y 1 A LYS 23  ? CE  ? A LYS 24 CE  
17 1 Y 1 A LYS 23  ? NZ  ? A LYS 24 NZ  
18 1 Y 1 A GLU 28  ? CG  ? A GLU 29 CG  
19 1 Y 1 A GLU 28  ? CD  ? A GLU 29 CD  
20 1 Y 1 A GLU 28  ? OE1 ? A GLU 29 OE1 
21 1 Y 1 A GLU 28  ? OE2 ? A GLU 29 OE2 
22 1 Y 1 A GLU 29  ? CD  ? A GLU 30 CD  
23 1 Y 1 A GLU 29  ? OE1 ? A GLU 30 OE1 
24 1 Y 1 A GLU 29  ? OE2 ? A GLU 30 OE2 
25 1 Y 1 A GLN 32  ? CG  ? A GLN 33 CG  
26 1 Y 1 A GLN 32  ? CD  ? A GLN 33 CD  
27 1 Y 1 A GLN 32  ? OE1 ? A GLN 33 OE1 
28 1 Y 1 A GLN 32  ? NE2 ? A GLN 33 NE2 
29 1 Y 1 A LYS 53  ? CG  ? A LYS 54 CG  
30 1 Y 1 A LYS 53  ? CD  ? A LYS 54 CD  
31 1 Y 1 A LYS 53  ? CE  ? A LYS 54 CE  
32 1 Y 1 A LYS 55  ? NZ  ? A LYS 56 NZ  
33 1 Y 1 A GLN 56  ? CG  ? A GLN 57 CG  
34 1 Y 1 A GLN 56  ? CD  ? A GLN 57 CD  
35 1 Y 1 A GLN 56  ? OE1 ? A GLN 57 OE1 
36 1 Y 1 A GLN 56  ? NE2 ? A GLN 57 NE2 
37 1 Y 1 A ARG 59  ? CZ  ? A ARG 60 CZ  
38 1 Y 1 A ARG 59  ? NH1 ? A ARG 60 NH1 
39 1 Y 1 A ARG 59  ? NH2 ? A ARG 60 NH2 
40 1 Y 1 A LYS 73  ? CG  ? A LYS 74 CG  
41 1 Y 1 A LYS 73  ? CD  ? A LYS 74 CD  
42 1 Y 1 A LYS 73  ? CE  ? A LYS 74 CE  
43 1 Y 1 A LYS 73  ? NZ  ? A LYS 74 NZ  
44 1 Y 1 A GLU 74  ? CG  ? A GLU 75 CG  
45 1 Y 1 A GLU 74  ? CD  ? A GLU 75 CD  
46 1 Y 1 A GLU 74  ? OE1 ? A GLU 75 OE1 
47 1 Y 1 A GLU 74  ? OE2 ? A GLU 75 OE2 
48 1 Y 1 A LYS 77  ? NZ  ? A LYS 78 NZ  
49 1 Y 1 A LYS 79  ? CD  ? A LYS 80 CD  
50 1 Y 1 A LYS 79  ? CE  ? A LYS 80 CE  
51 1 Y 1 A LYS 79  ? NZ  ? A LYS 80 NZ  
52 1 Y 1 A GLU 80  ? CG  ? A GLU 81 CG  
53 1 Y 1 A GLU 80  ? CD  ? A GLU 81 CD  
54 1 Y 1 A GLU 80  ? OE1 ? A GLU 81 OE1 
55 1 Y 1 A GLU 80  ? OE2 ? A GLU 81 OE2 
56 1 Y 1 A LYS 81  ? CD  ? A LYS 82 CD  
57 1 Y 1 A LYS 81  ? CE  ? A LYS 82 CE  
58 1 Y 1 A LYS 81  ? NZ  ? A LYS 82 NZ  
59 1 Y 1 B ASP 323 ? CG  ? B ASP 12 CG  
60 1 Y 1 B ASP 323 ? OD1 ? B ASP 12 OD1 
61 1 Y 1 B ASP 323 ? OD2 ? B ASP 12 OD2 
62 1 Y 1 B GLU 329 ? CD  ? B GLU 18 CD  
63 1 Y 1 B GLU 329 ? OE1 ? B GLU 18 OE1 
64 1 Y 1 B GLU 329 ? OE2 ? B GLU 18 OE2 
65 1 Y 1 B GLU 330 ? CG  ? B GLU 19 CG  
66 1 Y 1 B GLU 330 ? CD  ? B GLU 19 CD  
67 1 Y 1 B GLU 330 ? OE1 ? B GLU 19 OE1 
68 1 Y 1 B GLU 330 ? OE2 ? B GLU 19 OE2 
# 
loop_
_pdbx_unobs_or_zero_occ_residues.id 
_pdbx_unobs_or_zero_occ_residues.PDB_model_num 
_pdbx_unobs_or_zero_occ_residues.polymer_flag 
_pdbx_unobs_or_zero_occ_residues.occupancy_flag 
_pdbx_unobs_or_zero_occ_residues.auth_asym_id 
_pdbx_unobs_or_zero_occ_residues.auth_comp_id 
_pdbx_unobs_or_zero_occ_residues.auth_seq_id 
_pdbx_unobs_or_zero_occ_residues.PDB_ins_code 
_pdbx_unobs_or_zero_occ_residues.label_asym_id 
_pdbx_unobs_or_zero_occ_residues.label_comp_id 
_pdbx_unobs_or_zero_occ_residues.label_seq_id 
1  1 Y 1 A SER 0   ? A SER 1  
2  1 Y 1 A GLN 84  ? A GLN 85 
3  1 Y 1 A LYS 85  ? A LYS 86 
4  1 Y 1 A PRO 86  ? A PRO 87 
5  1 Y 1 A VAL 87  ? A VAL 88 
6  1 Y 1 A LYS 88  ? A LYS 89 
7  1 Y 1 A GLU 89  ? A GLU 90 
8  1 Y 1 B SER 312 ? B SER 1  
9  1 Y 1 B THR 313 ? B THR 2  
10 1 Y 1 B SER 314 ? B SER 3  
11 1 Y 1 B ALA 315 ? B ALA 4  
12 1 Y 1 B SER 316 ? B SER 5  
13 1 Y 1 B GLU 317 ? B GLU 6  
14 1 Y 1 B ASP 318 ? B ASP 7  
15 1 Y 1 B ILE 319 ? B ILE 8  
16 1 Y 1 B LYS 333 ? B LYS 22 
17 1 Y 1 B LYS 334 ? B LYS 23 
18 1 Y 1 B THR 335 ? B THR 24 
19 1 Y 1 B TRP 336 ? B TRP 25 
# 
loop_
_chem_comp_atom.comp_id 
_chem_comp_atom.atom_id 
_chem_comp_atom.type_symbol 
_chem_comp_atom.pdbx_aromatic_flag 
_chem_comp_atom.pdbx_stereo_config 
_chem_comp_atom.pdbx_ordinal 
ALA N    N N N 1   
ALA CA   C N S 2   
ALA C    C N N 3   
ALA O    O N N 4   
ALA CB   C N N 5   
ALA OXT  O N N 6   
ALA H    H N N 7   
ALA H2   H N N 8   
ALA HA   H N N 9   
ALA HB1  H N N 10  
ALA HB2  H N N 11  
ALA HB3  H N N 12  
ALA HXT  H N N 13  
ARG N    N N N 14  
ARG CA   C N S 15  
ARG C    C N N 16  
ARG O    O N N 17  
ARG CB   C N N 18  
ARG CG   C N N 19  
ARG CD   C N N 20  
ARG NE   N N N 21  
ARG CZ   C N N 22  
ARG NH1  N N N 23  
ARG NH2  N N N 24  
ARG OXT  O N N 25  
ARG H    H N N 26  
ARG H2   H N N 27  
ARG HA   H N N 28  
ARG HB2  H N N 29  
ARG HB3  H N N 30  
ARG HG2  H N N 31  
ARG HG3  H N N 32  
ARG HD2  H N N 33  
ARG HD3  H N N 34  
ARG HE   H N N 35  
ARG HH11 H N N 36  
ARG HH12 H N N 37  
ARG HH21 H N N 38  
ARG HH22 H N N 39  
ARG HXT  H N N 40  
ASN N    N N N 41  
ASN CA   C N S 42  
ASN C    C N N 43  
ASN O    O N N 44  
ASN CB   C N N 45  
ASN CG   C N N 46  
ASN OD1  O N N 47  
ASN ND2  N N N 48  
ASN OXT  O N N 49  
ASN H    H N N 50  
ASN H2   H N N 51  
ASN HA   H N N 52  
ASN HB2  H N N 53  
ASN HB3  H N N 54  
ASN HD21 H N N 55  
ASN HD22 H N N 56  
ASN HXT  H N N 57  
ASP N    N N N 58  
ASP CA   C N S 59  
ASP C    C N N 60  
ASP O    O N N 61  
ASP CB   C N N 62  
ASP CG   C N N 63  
ASP OD1  O N N 64  
ASP OD2  O N N 65  
ASP OXT  O N N 66  
ASP H    H N N 67  
ASP H2   H N N 68  
ASP HA   H N N 69  
ASP HB2  H N N 70  
ASP HB3  H N N 71  
ASP HD2  H N N 72  
ASP HXT  H N N 73  
CYS N    N N N 74  
CYS CA   C N R 75  
CYS C    C N N 76  
CYS O    O N N 77  
CYS CB   C N N 78  
CYS SG   S N N 79  
CYS OXT  O N N 80  
CYS H    H N N 81  
CYS H2   H N N 82  
CYS HA   H N N 83  
CYS HB2  H N N 84  
CYS HB3  H N N 85  
CYS HG   H N N 86  
CYS HXT  H N N 87  
GLN N    N N N 88  
GLN CA   C N S 89  
GLN C    C N N 90  
GLN O    O N N 91  
GLN CB   C N N 92  
GLN CG   C N N 93  
GLN CD   C N N 94  
GLN OE1  O N N 95  
GLN NE2  N N N 96  
GLN OXT  O N N 97  
GLN H    H N N 98  
GLN H2   H N N 99  
GLN HA   H N N 100 
GLN HB2  H N N 101 
GLN HB3  H N N 102 
GLN HG2  H N N 103 
GLN HG3  H N N 104 
GLN HE21 H N N 105 
GLN HE22 H N N 106 
GLN HXT  H N N 107 
GLU N    N N N 108 
GLU CA   C N S 109 
GLU C    C N N 110 
GLU O    O N N 111 
GLU CB   C N N 112 
GLU CG   C N N 113 
GLU CD   C N N 114 
GLU OE1  O N N 115 
GLU OE2  O N N 116 
GLU OXT  O N N 117 
GLU H    H N N 118 
GLU H2   H N N 119 
GLU HA   H N N 120 
GLU HB2  H N N 121 
GLU HB3  H N N 122 
GLU HG2  H N N 123 
GLU HG3  H N N 124 
GLU HE2  H N N 125 
GLU HXT  H N N 126 
GLY N    N N N 127 
GLY CA   C N N 128 
GLY C    C N N 129 
GLY O    O N N 130 
GLY OXT  O N N 131 
GLY H    H N N 132 
GLY H2   H N N 133 
GLY HA2  H N N 134 
GLY HA3  H N N 135 
GLY HXT  H N N 136 
HIS N    N N N 137 
HIS CA   C N S 138 
HIS C    C N N 139 
HIS O    O N N 140 
HIS CB   C N N 141 
HIS CG   C Y N 142 
HIS ND1  N Y N 143 
HIS CD2  C Y N 144 
HIS CE1  C Y N 145 
HIS NE2  N Y N 146 
HIS OXT  O N N 147 
HIS H    H N N 148 
HIS H2   H N N 149 
HIS HA   H N N 150 
HIS HB2  H N N 151 
HIS HB3  H N N 152 
HIS HD1  H N N 153 
HIS HD2  H N N 154 
HIS HE1  H N N 155 
HIS HE2  H N N 156 
HIS HXT  H N N 157 
HOH O    O N N 158 
HOH H1   H N N 159 
HOH H2   H N N 160 
ILE N    N N N 161 
ILE CA   C N S 162 
ILE C    C N N 163 
ILE O    O N N 164 
ILE CB   C N S 165 
ILE CG1  C N N 166 
ILE CG2  C N N 167 
ILE CD1  C N N 168 
ILE OXT  O N N 169 
ILE H    H N N 170 
ILE H2   H N N 171 
ILE HA   H N N 172 
ILE HB   H N N 173 
ILE HG12 H N N 174 
ILE HG13 H N N 175 
ILE HG21 H N N 176 
ILE HG22 H N N 177 
ILE HG23 H N N 178 
ILE HD11 H N N 179 
ILE HD12 H N N 180 
ILE HD13 H N N 181 
ILE HXT  H N N 182 
LEU N    N N N 183 
LEU CA   C N S 184 
LEU C    C N N 185 
LEU O    O N N 186 
LEU CB   C N N 187 
LEU CG   C N N 188 
LEU CD1  C N N 189 
LEU CD2  C N N 190 
LEU OXT  O N N 191 
LEU H    H N N 192 
LEU H2   H N N 193 
LEU HA   H N N 194 
LEU HB2  H N N 195 
LEU HB3  H N N 196 
LEU HG   H N N 197 
LEU HD11 H N N 198 
LEU HD12 H N N 199 
LEU HD13 H N N 200 
LEU HD21 H N N 201 
LEU HD22 H N N 202 
LEU HD23 H N N 203 
LEU HXT  H N N 204 
LYS N    N N N 205 
LYS CA   C N S 206 
LYS C    C N N 207 
LYS O    O N N 208 
LYS CB   C N N 209 
LYS CG   C N N 210 
LYS CD   C N N 211 
LYS CE   C N N 212 
LYS NZ   N N N 213 
LYS OXT  O N N 214 
LYS H    H N N 215 
LYS H2   H N N 216 
LYS HA   H N N 217 
LYS HB2  H N N 218 
LYS HB3  H N N 219 
LYS HG2  H N N 220 
LYS HG3  H N N 221 
LYS HD2  H N N 222 
LYS HD3  H N N 223 
LYS HE2  H N N 224 
LYS HE3  H N N 225 
LYS HZ1  H N N 226 
LYS HZ2  H N N 227 
LYS HZ3  H N N 228 
LYS HXT  H N N 229 
MET N    N N N 230 
MET CA   C N S 231 
MET C    C N N 232 
MET O    O N N 233 
MET CB   C N N 234 
MET CG   C N N 235 
MET SD   S N N 236 
MET CE   C N N 237 
MET OXT  O N N 238 
MET H    H N N 239 
MET H2   H N N 240 
MET HA   H N N 241 
MET HB2  H N N 242 
MET HB3  H N N 243 
MET HG2  H N N 244 
MET HG3  H N N 245 
MET HE1  H N N 246 
MET HE2  H N N 247 
MET HE3  H N N 248 
MET HXT  H N N 249 
PHE N    N N N 250 
PHE CA   C N S 251 
PHE C    C N N 252 
PHE O    O N N 253 
PHE CB   C N N 254 
PHE CG   C Y N 255 
PHE CD1  C Y N 256 
PHE CD2  C Y N 257 
PHE CE1  C Y N 258 
PHE CE2  C Y N 259 
PHE CZ   C Y N 260 
PHE OXT  O N N 261 
PHE H    H N N 262 
PHE H2   H N N 263 
PHE HA   H N N 264 
PHE HB2  H N N 265 
PHE HB3  H N N 266 
PHE HD1  H N N 267 
PHE HD2  H N N 268 
PHE HE1  H N N 269 
PHE HE2  H N N 270 
PHE HZ   H N N 271 
PHE HXT  H N N 272 
PRO N    N N N 273 
PRO CA   C N S 274 
PRO C    C N N 275 
PRO O    O N N 276 
PRO CB   C N N 277 
PRO CG   C N N 278 
PRO CD   C N N 279 
PRO OXT  O N N 280 
PRO H    H N N 281 
PRO HA   H N N 282 
PRO HB2  H N N 283 
PRO HB3  H N N 284 
PRO HG2  H N N 285 
PRO HG3  H N N 286 
PRO HD2  H N N 287 
PRO HD3  H N N 288 
PRO HXT  H N N 289 
SER N    N N N 290 
SER CA   C N S 291 
SER C    C N N 292 
SER O    O N N 293 
SER CB   C N N 294 
SER OG   O N N 295 
SER OXT  O N N 296 
SER H    H N N 297 
SER H2   H N N 298 
SER HA   H N N 299 
SER HB2  H N N 300 
SER HB3  H N N 301 
SER HG   H N N 302 
SER HXT  H N N 303 
THR N    N N N 304 
THR CA   C N S 305 
THR C    C N N 306 
THR O    O N N 307 
THR CB   C N R 308 
THR OG1  O N N 309 
THR CG2  C N N 310 
THR OXT  O N N 311 
THR H    H N N 312 
THR H2   H N N 313 
THR HA   H N N 314 
THR HB   H N N 315 
THR HG1  H N N 316 
THR HG21 H N N 317 
THR HG22 H N N 318 
THR HG23 H N N 319 
THR HXT  H N N 320 
TRP N    N N N 321 
TRP CA   C N S 322 
TRP C    C N N 323 
TRP O    O N N 324 
TRP CB   C N N 325 
TRP CG   C Y N 326 
TRP CD1  C Y N 327 
TRP CD2  C Y N 328 
TRP NE1  N Y N 329 
TRP CE2  C Y N 330 
TRP CE3  C Y N 331 
TRP CZ2  C Y N 332 
TRP CZ3  C Y N 333 
TRP CH2  C Y N 334 
TRP OXT  O N N 335 
TRP H    H N N 336 
TRP H2   H N N 337 
TRP HA   H N N 338 
TRP HB2  H N N 339 
TRP HB3  H N N 340 
TRP HD1  H N N 341 
TRP HE1  H N N 342 
TRP HE3  H N N 343 
TRP HZ2  H N N 344 
TRP HZ3  H N N 345 
TRP HH2  H N N 346 
TRP HXT  H N N 347 
TYR N    N N N 348 
TYR CA   C N S 349 
TYR C    C N N 350 
TYR O    O N N 351 
TYR CB   C N N 352 
TYR CG   C Y N 353 
TYR CD1  C Y N 354 
TYR CD2  C Y N 355 
TYR CE1  C Y N 356 
TYR CE2  C Y N 357 
TYR CZ   C Y N 358 
TYR OH   O N N 359 
TYR OXT  O N N 360 
TYR H    H N N 361 
TYR H2   H N N 362 
TYR HA   H N N 363 
TYR HB2  H N N 364 
TYR HB3  H N N 365 
TYR HD1  H N N 366 
TYR HD2  H N N 367 
TYR HE1  H N N 368 
TYR HE2  H N N 369 
TYR HH   H N N 370 
TYR HXT  H N N 371 
VAL N    N N N 372 
VAL CA   C N S 373 
VAL C    C N N 374 
VAL O    O N N 375 
VAL CB   C N N 376 
VAL CG1  C N N 377 
VAL CG2  C N N 378 
VAL OXT  O N N 379 
VAL H    H N N 380 
VAL H2   H N N 381 
VAL HA   H N N 382 
VAL HB   H N N 383 
VAL HG11 H N N 384 
VAL HG12 H N N 385 
VAL HG13 H N N 386 
VAL HG21 H N N 387 
VAL HG22 H N N 388 
VAL HG23 H N N 389 
VAL HXT  H N N 390 
# 
loop_
_chem_comp_bond.comp_id 
_chem_comp_bond.atom_id_1 
_chem_comp_bond.atom_id_2 
_chem_comp_bond.value_order 
_chem_comp_bond.pdbx_aromatic_flag 
_chem_comp_bond.pdbx_stereo_config 
_chem_comp_bond.pdbx_ordinal 
ALA N   CA   sing N N 1   
ALA N   H    sing N N 2   
ALA N   H2   sing N N 3   
ALA CA  C    sing N N 4   
ALA CA  CB   sing N N 5   
ALA CA  HA   sing N N 6   
ALA C   O    doub N N 7   
ALA C   OXT  sing N N 8   
ALA CB  HB1  sing N N 9   
ALA CB  HB2  sing N N 10  
ALA CB  HB3  sing N N 11  
ALA OXT HXT  sing N N 12  
ARG N   CA   sing N N 13  
ARG N   H    sing N N 14  
ARG N   H2   sing N N 15  
ARG CA  C    sing N N 16  
ARG CA  CB   sing N N 17  
ARG CA  HA   sing N N 18  
ARG C   O    doub N N 19  
ARG C   OXT  sing N N 20  
ARG CB  CG   sing N N 21  
ARG CB  HB2  sing N N 22  
ARG CB  HB3  sing N N 23  
ARG CG  CD   sing N N 24  
ARG CG  HG2  sing N N 25  
ARG CG  HG3  sing N N 26  
ARG CD  NE   sing N N 27  
ARG CD  HD2  sing N N 28  
ARG CD  HD3  sing N N 29  
ARG NE  CZ   sing N N 30  
ARG NE  HE   sing N N 31  
ARG CZ  NH1  sing N N 32  
ARG CZ  NH2  doub N N 33  
ARG NH1 HH11 sing N N 34  
ARG NH1 HH12 sing N N 35  
ARG NH2 HH21 sing N N 36  
ARG NH2 HH22 sing N N 37  
ARG OXT HXT  sing N N 38  
ASN N   CA   sing N N 39  
ASN N   H    sing N N 40  
ASN N   H2   sing N N 41  
ASN CA  C    sing N N 42  
ASN CA  CB   sing N N 43  
ASN CA  HA   sing N N 44  
ASN C   O    doub N N 45  
ASN C   OXT  sing N N 46  
ASN CB  CG   sing N N 47  
ASN CB  HB2  sing N N 48  
ASN CB  HB3  sing N N 49  
ASN CG  OD1  doub N N 50  
ASN CG  ND2  sing N N 51  
ASN ND2 HD21 sing N N 52  
ASN ND2 HD22 sing N N 53  
ASN OXT HXT  sing N N 54  
ASP N   CA   sing N N 55  
ASP N   H    sing N N 56  
ASP N   H2   sing N N 57  
ASP CA  C    sing N N 58  
ASP CA  CB   sing N N 59  
ASP CA  HA   sing N N 60  
ASP C   O    doub N N 61  
ASP C   OXT  sing N N 62  
ASP CB  CG   sing N N 63  
ASP CB  HB2  sing N N 64  
ASP CB  HB3  sing N N 65  
ASP CG  OD1  doub N N 66  
ASP CG  OD2  sing N N 67  
ASP OD2 HD2  sing N N 68  
ASP OXT HXT  sing N N 69  
CYS N   CA   sing N N 70  
CYS N   H    sing N N 71  
CYS N   H2   sing N N 72  
CYS CA  C    sing N N 73  
CYS CA  CB   sing N N 74  
CYS CA  HA   sing N N 75  
CYS C   O    doub N N 76  
CYS C   OXT  sing N N 77  
CYS CB  SG   sing N N 78  
CYS CB  HB2  sing N N 79  
CYS CB  HB3  sing N N 80  
CYS SG  HG   sing N N 81  
CYS OXT HXT  sing N N 82  
GLN N   CA   sing N N 83  
GLN N   H    sing N N 84  
GLN N   H2   sing N N 85  
GLN CA  C    sing N N 86  
GLN CA  CB   sing N N 87  
GLN CA  HA   sing N N 88  
GLN C   O    doub N N 89  
GLN C   OXT  sing N N 90  
GLN CB  CG   sing N N 91  
GLN CB  HB2  sing N N 92  
GLN CB  HB3  sing N N 93  
GLN CG  CD   sing N N 94  
GLN CG  HG2  sing N N 95  
GLN CG  HG3  sing N N 96  
GLN CD  OE1  doub N N 97  
GLN CD  NE2  sing N N 98  
GLN NE2 HE21 sing N N 99  
GLN NE2 HE22 sing N N 100 
GLN OXT HXT  sing N N 101 
GLU N   CA   sing N N 102 
GLU N   H    sing N N 103 
GLU N   H2   sing N N 104 
GLU CA  C    sing N N 105 
GLU CA  CB   sing N N 106 
GLU CA  HA   sing N N 107 
GLU C   O    doub N N 108 
GLU C   OXT  sing N N 109 
GLU CB  CG   sing N N 110 
GLU CB  HB2  sing N N 111 
GLU CB  HB3  sing N N 112 
GLU CG  CD   sing N N 113 
GLU CG  HG2  sing N N 114 
GLU CG  HG3  sing N N 115 
GLU CD  OE1  doub N N 116 
GLU CD  OE2  sing N N 117 
GLU OE2 HE2  sing N N 118 
GLU OXT HXT  sing N N 119 
GLY N   CA   sing N N 120 
GLY N   H    sing N N 121 
GLY N   H2   sing N N 122 
GLY CA  C    sing N N 123 
GLY CA  HA2  sing N N 124 
GLY CA  HA3  sing N N 125 
GLY C   O    doub N N 126 
GLY C   OXT  sing N N 127 
GLY OXT HXT  sing N N 128 
HIS N   CA   sing N N 129 
HIS N   H    sing N N 130 
HIS N   H2   sing N N 131 
HIS CA  C    sing N N 132 
HIS CA  CB   sing N N 133 
HIS CA  HA   sing N N 134 
HIS C   O    doub N N 135 
HIS C   OXT  sing N N 136 
HIS CB  CG   sing N N 137 
HIS CB  HB2  sing N N 138 
HIS CB  HB3  sing N N 139 
HIS CG  ND1  sing Y N 140 
HIS CG  CD2  doub Y N 141 
HIS ND1 CE1  doub Y N 142 
HIS ND1 HD1  sing N N 143 
HIS CD2 NE2  sing Y N 144 
HIS CD2 HD2  sing N N 145 
HIS CE1 NE2  sing Y N 146 
HIS CE1 HE1  sing N N 147 
HIS NE2 HE2  sing N N 148 
HIS OXT HXT  sing N N 149 
HOH O   H1   sing N N 150 
HOH O   H2   sing N N 151 
ILE N   CA   sing N N 152 
ILE N   H    sing N N 153 
ILE N   H2   sing N N 154 
ILE CA  C    sing N N 155 
ILE CA  CB   sing N N 156 
ILE CA  HA   sing N N 157 
ILE C   O    doub N N 158 
ILE C   OXT  sing N N 159 
ILE CB  CG1  sing N N 160 
ILE CB  CG2  sing N N 161 
ILE CB  HB   sing N N 162 
ILE CG1 CD1  sing N N 163 
ILE CG1 HG12 sing N N 164 
ILE CG1 HG13 sing N N 165 
ILE CG2 HG21 sing N N 166 
ILE CG2 HG22 sing N N 167 
ILE CG2 HG23 sing N N 168 
ILE CD1 HD11 sing N N 169 
ILE CD1 HD12 sing N N 170 
ILE CD1 HD13 sing N N 171 
ILE OXT HXT  sing N N 172 
LEU N   CA   sing N N 173 
LEU N   H    sing N N 174 
LEU N   H2   sing N N 175 
LEU CA  C    sing N N 176 
LEU CA  CB   sing N N 177 
LEU CA  HA   sing N N 178 
LEU C   O    doub N N 179 
LEU C   OXT  sing N N 180 
LEU CB  CG   sing N N 181 
LEU CB  HB2  sing N N 182 
LEU CB  HB3  sing N N 183 
LEU CG  CD1  sing N N 184 
LEU CG  CD2  sing N N 185 
LEU CG  HG   sing N N 186 
LEU CD1 HD11 sing N N 187 
LEU CD1 HD12 sing N N 188 
LEU CD1 HD13 sing N N 189 
LEU CD2 HD21 sing N N 190 
LEU CD2 HD22 sing N N 191 
LEU CD2 HD23 sing N N 192 
LEU OXT HXT  sing N N 193 
LYS N   CA   sing N N 194 
LYS N   H    sing N N 195 
LYS N   H2   sing N N 196 
LYS CA  C    sing N N 197 
LYS CA  CB   sing N N 198 
LYS CA  HA   sing N N 199 
LYS C   O    doub N N 200 
LYS C   OXT  sing N N 201 
LYS CB  CG   sing N N 202 
LYS CB  HB2  sing N N 203 
LYS CB  HB3  sing N N 204 
LYS CG  CD   sing N N 205 
LYS CG  HG2  sing N N 206 
LYS CG  HG3  sing N N 207 
LYS CD  CE   sing N N 208 
LYS CD  HD2  sing N N 209 
LYS CD  HD3  sing N N 210 
LYS CE  NZ   sing N N 211 
LYS CE  HE2  sing N N 212 
LYS CE  HE3  sing N N 213 
LYS NZ  HZ1  sing N N 214 
LYS NZ  HZ2  sing N N 215 
LYS NZ  HZ3  sing N N 216 
LYS OXT HXT  sing N N 217 
MET N   CA   sing N N 218 
MET N   H    sing N N 219 
MET N   H2   sing N N 220 
MET CA  C    sing N N 221 
MET CA  CB   sing N N 222 
MET CA  HA   sing N N 223 
MET C   O    doub N N 224 
MET C   OXT  sing N N 225 
MET CB  CG   sing N N 226 
MET CB  HB2  sing N N 227 
MET CB  HB3  sing N N 228 
MET CG  SD   sing N N 229 
MET CG  HG2  sing N N 230 
MET CG  HG3  sing N N 231 
MET SD  CE   sing N N 232 
MET CE  HE1  sing N N 233 
MET CE  HE2  sing N N 234 
MET CE  HE3  sing N N 235 
MET OXT HXT  sing N N 236 
PHE N   CA   sing N N 237 
PHE N   H    sing N N 238 
PHE N   H2   sing N N 239 
PHE CA  C    sing N N 240 
PHE CA  CB   sing N N 241 
PHE CA  HA   sing N N 242 
PHE C   O    doub N N 243 
PHE C   OXT  sing N N 244 
PHE CB  CG   sing N N 245 
PHE CB  HB2  sing N N 246 
PHE CB  HB3  sing N N 247 
PHE CG  CD1  doub Y N 248 
PHE CG  CD2  sing Y N 249 
PHE CD1 CE1  sing Y N 250 
PHE CD1 HD1  sing N N 251 
PHE CD2 CE2  doub Y N 252 
PHE CD2 HD2  sing N N 253 
PHE CE1 CZ   doub Y N 254 
PHE CE1 HE1  sing N N 255 
PHE CE2 CZ   sing Y N 256 
PHE CE2 HE2  sing N N 257 
PHE CZ  HZ   sing N N 258 
PHE OXT HXT  sing N N 259 
PRO N   CA   sing N N 260 
PRO N   CD   sing N N 261 
PRO N   H    sing N N 262 
PRO CA  C    sing N N 263 
PRO CA  CB   sing N N 264 
PRO CA  HA   sing N N 265 
PRO C   O    doub N N 266 
PRO C   OXT  sing N N 267 
PRO CB  CG   sing N N 268 
PRO CB  HB2  sing N N 269 
PRO CB  HB3  sing N N 270 
PRO CG  CD   sing N N 271 
PRO CG  HG2  sing N N 272 
PRO CG  HG3  sing N N 273 
PRO CD  HD2  sing N N 274 
PRO CD  HD3  sing N N 275 
PRO OXT HXT  sing N N 276 
SER N   CA   sing N N 277 
SER N   H    sing N N 278 
SER N   H2   sing N N 279 
SER CA  C    sing N N 280 
SER CA  CB   sing N N 281 
SER CA  HA   sing N N 282 
SER C   O    doub N N 283 
SER C   OXT  sing N N 284 
SER CB  OG   sing N N 285 
SER CB  HB2  sing N N 286 
SER CB  HB3  sing N N 287 
SER OG  HG   sing N N 288 
SER OXT HXT  sing N N 289 
THR N   CA   sing N N 290 
THR N   H    sing N N 291 
THR N   H2   sing N N 292 
THR CA  C    sing N N 293 
THR CA  CB   sing N N 294 
THR CA  HA   sing N N 295 
THR C   O    doub N N 296 
THR C   OXT  sing N N 297 
THR CB  OG1  sing N N 298 
THR CB  CG2  sing N N 299 
THR CB  HB   sing N N 300 
THR OG1 HG1  sing N N 301 
THR CG2 HG21 sing N N 302 
THR CG2 HG22 sing N N 303 
THR CG2 HG23 sing N N 304 
THR OXT HXT  sing N N 305 
TRP N   CA   sing N N 306 
TRP N   H    sing N N 307 
TRP N   H2   sing N N 308 
TRP CA  C    sing N N 309 
TRP CA  CB   sing N N 310 
TRP CA  HA   sing N N 311 
TRP C   O    doub N N 312 
TRP C   OXT  sing N N 313 
TRP CB  CG   sing N N 314 
TRP CB  HB2  sing N N 315 
TRP CB  HB3  sing N N 316 
TRP CG  CD1  doub Y N 317 
TRP CG  CD2  sing Y N 318 
TRP CD1 NE1  sing Y N 319 
TRP CD1 HD1  sing N N 320 
TRP CD2 CE2  doub Y N 321 
TRP CD2 CE3  sing Y N 322 
TRP NE1 CE2  sing Y N 323 
TRP NE1 HE1  sing N N 324 
TRP CE2 CZ2  sing Y N 325 
TRP CE3 CZ3  doub Y N 326 
TRP CE3 HE3  sing N N 327 
TRP CZ2 CH2  doub Y N 328 
TRP CZ2 HZ2  sing N N 329 
TRP CZ3 CH2  sing Y N 330 
TRP CZ3 HZ3  sing N N 331 
TRP CH2 HH2  sing N N 332 
TRP OXT HXT  sing N N 333 
TYR N   CA   sing N N 334 
TYR N   H    sing N N 335 
TYR N   H2   sing N N 336 
TYR CA  C    sing N N 337 
TYR CA  CB   sing N N 338 
TYR CA  HA   sing N N 339 
TYR C   O    doub N N 340 
TYR C   OXT  sing N N 341 
TYR CB  CG   sing N N 342 
TYR CB  HB2  sing N N 343 
TYR CB  HB3  sing N N 344 
TYR CG  CD1  doub Y N 345 
TYR CG  CD2  sing Y N 346 
TYR CD1 CE1  sing Y N 347 
TYR CD1 HD1  sing N N 348 
TYR CD2 CE2  doub Y N 349 
TYR CD2 HD2  sing N N 350 
TYR CE1 CZ   doub Y N 351 
TYR CE1 HE1  sing N N 352 
TYR CE2 CZ   sing Y N 353 
TYR CE2 HE2  sing N N 354 
TYR CZ  OH   sing N N 355 
TYR OH  HH   sing N N 356 
TYR OXT HXT  sing N N 357 
VAL N   CA   sing N N 358 
VAL N   H    sing N N 359 
VAL N   H2   sing N N 360 
VAL CA  C    sing N N 361 
VAL CA  CB   sing N N 362 
VAL CA  HA   sing N N 363 
VAL C   O    doub N N 364 
VAL C   OXT  sing N N 365 
VAL CB  CG1  sing N N 366 
VAL CB  CG2  sing N N 367 
VAL CB  HB   sing N N 368 
VAL CG1 HG11 sing N N 369 
VAL CG1 HG12 sing N N 370 
VAL CG1 HG13 sing N N 371 
VAL CG2 HG21 sing N N 372 
VAL CG2 HG22 sing N N 373 
VAL CG2 HG23 sing N N 374 
VAL OXT HXT  sing N N 375 
# 
_pdbx_audit_support.funding_organization   
'National Institutes of Health/National Institute of General Medical Sciences (NIH/NIGMS)' 
_pdbx_audit_support.country                'United States' 
_pdbx_audit_support.grant_number           GM095769 
_pdbx_audit_support.ordinal                1 
# 
_pdbx_entity_nonpoly.entity_id   3 
_pdbx_entity_nonpoly.name        water 
_pdbx_entity_nonpoly.comp_id     HOH 
# 
_pdbx_initial_refinement_model.id               1 
_pdbx_initial_refinement_model.entity_id_list   ? 
_pdbx_initial_refinement_model.type             'experimental model' 
_pdbx_initial_refinement_model.source_name      PDB 
_pdbx_initial_refinement_model.accession_code   1WR0 
_pdbx_initial_refinement_model.details          ? 
# 
